data_4XRR
#
_entry.id   4XRR
#
_cell.length_a   70.392
_cell.length_b   88.200
_cell.length_c   70.936
_cell.angle_alpha   90.00
_cell.angle_beta   103.41
_cell.angle_gamma   90.00
#
_symmetry.space_group_name_H-M   'P 1 21 1'
#
loop_
_entity.id
_entity.type
_entity.pdbx_description
1 polymer CalS8
2 non-polymer GLYCEROL
3 water water
#
_entity_poly.entity_id   1
_entity_poly.type   'polypeptide(L)'
_entity_poly.pdbx_seq_one_letter_code
;SNA(MSE)PFLPDPGEPSPLKVVIAGAGYVGTCLAVTLAGRGAEVVAVDSDPGTVADLRAGRCRLPEPGLAGAVRDLAAT
GRLTASTSYDPVGAADVVIVTVGTPTDAGHE(MSE)VTDQLVAACEQIAPRLRAGQLVILKSTVSPGTTRTLVAPLLESG
GLVHERDFGLAFCPERLAEGVALAQVRTLPVVVGGCGPRSAAAAERFWRSALGVDVRQVPSAESAEVVKLATNWWIDANV
AIANELARYCAVLGVDVLDVIGAANTLPKGSS(MSE)VNLLLPGVGVGGSCLTKDPW(MSE)AWRDGRDRGVSLRTVETA
RAVNDD(MSE)PRHTAAVIADELVKLGRDRNDTTIAVLGAAFKNDTGDVRNTPVRGVVAALRDSGFRVRIFDPLADPAEI
VARFGTAPAASLDEAVSGAGCLAFLAGHRQFHELDFGALAERVDEPCLVFDGR(MSE)HLPPARIRELHRFGFAYRGIGR
;
_entity_poly.pdbx_strand_id   A,B
#
loop_
_chem_comp.id
_chem_comp.type
_chem_comp.name
_chem_comp.formula
GOL non-polymer GLYCEROL 'C3 H8 O3'
#
# COMPACT_ATOMS: atom_id res chain seq x y z
N SER A 1 2.68 -35.54 -38.20
CA SER A 1 1.73 -34.80 -37.40
C SER A 1 2.33 -33.48 -36.96
N ASN A 2 1.55 -32.37 -37.00
CA ASN A 2 1.97 -31.02 -36.61
C ASN A 2 2.30 -30.95 -35.15
N ALA A 3 3.08 -29.92 -34.73
CA ALA A 3 3.28 -29.65 -33.30
C ALA A 3 1.91 -29.29 -32.75
N MSE A 4 1.48 -29.98 -31.66
N MSE A 4 1.44 -30.02 -31.72
CA MSE A 4 0.16 -29.87 -31.00
CA MSE A 4 0.07 -29.84 -31.20
C MSE A 4 0.00 -28.64 -30.13
C MSE A 4 -0.05 -28.74 -30.11
O MSE A 4 0.89 -28.37 -29.32
O MSE A 4 0.89 -28.51 -29.35
CB MSE A 4 -0.03 -31.05 -30.01
CB MSE A 4 -0.45 -31.18 -30.65
CG MSE A 4 -0.21 -32.42 -30.62
CG MSE A 4 -1.74 -31.67 -31.35
SE MSE A 4 -0.17 -33.74 -29.15
SE MSE A 4 -1.71 -31.46 -33.28
CE MSE A 4 1.62 -33.31 -28.44
CE MSE A 4 -3.59 -31.06 -33.59
N PRO A 5 -1.24 -28.05 -30.02
CA PRO A 5 -1.45 -27.06 -28.96
C PRO A 5 -1.69 -27.83 -27.65
N PHE A 6 -1.63 -27.18 -26.48
CA PHE A 6 -1.76 -27.98 -25.25
C PHE A 6 -3.19 -27.95 -24.68
N LEU A 7 -4.17 -27.72 -25.58
CA LEU A 7 -5.59 -27.60 -25.26
C LEU A 7 -6.43 -27.86 -26.51
N PRO A 8 -7.56 -28.60 -26.40
CA PRO A 8 -8.43 -28.80 -27.59
C PRO A 8 -9.08 -27.49 -28.08
N ASP A 9 -9.72 -27.52 -29.29
CA ASP A 9 -10.37 -26.35 -29.89
C ASP A 9 -11.83 -26.63 -30.22
N PRO A 13 -16.74 -30.38 -29.37
CA PRO A 13 -18.11 -30.82 -29.04
C PRO A 13 -18.18 -31.52 -27.66
N SER A 14 -17.24 -32.44 -27.39
CA SER A 14 -17.15 -33.16 -26.13
C SER A 14 -16.71 -32.20 -24.99
N PRO A 15 -17.27 -32.35 -23.74
CA PRO A 15 -16.87 -31.46 -22.64
C PRO A 15 -15.38 -31.53 -22.30
N LEU A 16 -14.86 -30.44 -21.73
CA LEU A 16 -13.47 -30.38 -21.30
C LEU A 16 -13.31 -31.24 -20.05
N LYS A 17 -12.32 -32.16 -20.07
CA LYS A 17 -12.04 -33.08 -18.97
C LYS A 17 -10.90 -32.54 -18.11
N VAL A 18 -11.22 -32.19 -16.85
CA VAL A 18 -10.27 -31.61 -15.89
C VAL A 18 -10.08 -32.53 -14.69
N VAL A 19 -8.84 -32.69 -14.23
CA VAL A 19 -8.48 -33.46 -13.03
C VAL A 19 -7.83 -32.48 -12.01
N ILE A 20 -8.43 -32.34 -10.83
CA ILE A 20 -7.87 -31.46 -9.80
C ILE A 20 -7.22 -32.29 -8.71
N ALA A 21 -5.87 -32.21 -8.63
CA ALA A 21 -5.08 -32.91 -7.63
C ALA A 21 -5.03 -32.10 -6.36
N GLY A 22 -5.80 -32.53 -5.36
CA GLY A 22 -5.88 -31.84 -4.07
C GLY A 22 -7.22 -31.19 -3.88
N ALA A 23 -8.17 -31.94 -3.30
CA ALA A 23 -9.56 -31.51 -3.09
C ALA A 23 -9.75 -30.81 -1.74
N GLY A 24 -8.92 -29.80 -1.47
CA GLY A 24 -9.04 -28.96 -0.29
C GLY A 24 -10.05 -27.85 -0.53
N TYR A 25 -9.86 -26.70 0.11
CA TYR A 25 -10.77 -25.57 -0.06
C TYR A 25 -10.63 -24.98 -1.49
N VAL A 26 -9.39 -24.64 -1.88
CA VAL A 26 -9.06 -24.08 -3.21
C VAL A 26 -9.48 -25.09 -4.29
N GLY A 27 -9.17 -26.38 -4.06
CA GLY A 27 -9.48 -27.46 -4.99
C GLY A 27 -10.96 -27.61 -5.27
N THR A 28 -11.80 -27.61 -4.22
CA THR A 28 -13.23 -27.79 -4.34
C THR A 28 -13.91 -26.56 -4.98
N CYS A 29 -13.50 -25.35 -4.57
CA CYS A 29 -14.03 -24.10 -5.12
C CYS A 29 -13.82 -24.07 -6.65
N LEU A 30 -12.62 -24.47 -7.11
CA LEU A 30 -12.29 -24.51 -8.53
C LEU A 30 -13.06 -25.62 -9.24
N ALA A 31 -13.17 -26.79 -8.60
CA ALA A 31 -13.92 -27.95 -9.15
C ALA A 31 -15.37 -27.61 -9.44
N VAL A 32 -16.07 -27.02 -8.48
CA VAL A 32 -17.47 -26.66 -8.61
C VAL A 32 -17.67 -25.53 -9.66
N THR A 33 -16.75 -24.56 -9.71
CA THR A 33 -16.81 -23.46 -10.67
C THR A 33 -16.61 -24.00 -12.10
N LEU A 34 -15.60 -24.90 -12.28
CA LEU A 34 -15.32 -25.47 -13.60
C LEU A 34 -16.48 -26.36 -14.05
N ALA A 35 -16.97 -27.26 -13.17
CA ALA A 35 -18.08 -28.18 -13.46
C ALA A 35 -19.38 -27.41 -13.74
N GLY A 36 -19.61 -26.33 -13.00
CA GLY A 36 -20.79 -25.48 -13.17
C GLY A 36 -20.88 -24.84 -14.54
N ARG A 37 -19.73 -24.61 -15.18
CA ARG A 37 -19.67 -24.01 -16.51
C ARG A 37 -19.63 -25.09 -17.65
N GLY A 38 -19.80 -26.37 -17.27
CA GLY A 38 -19.90 -27.48 -18.22
C GLY A 38 -18.72 -28.43 -18.33
N ALA A 39 -17.65 -28.21 -17.56
CA ALA A 39 -16.51 -29.13 -17.61
C ALA A 39 -16.78 -30.39 -16.79
N GLU A 40 -16.17 -31.51 -17.19
CA GLU A 40 -16.22 -32.77 -16.47
C GLU A 40 -15.00 -32.80 -15.56
N VAL A 41 -15.22 -32.72 -14.24
CA VAL A 41 -14.12 -32.59 -13.30
C VAL A 41 -14.01 -33.80 -12.38
N VAL A 42 -12.78 -34.32 -12.22
CA VAL A 42 -12.49 -35.37 -11.26
C VAL A 42 -11.58 -34.78 -10.18
N ALA A 43 -12.05 -34.77 -8.94
CA ALA A 43 -11.24 -34.29 -7.81
C ALA A 43 -10.47 -35.45 -7.21
N VAL A 44 -9.15 -35.37 -7.22
CA VAL A 44 -8.31 -36.45 -6.70
C VAL A 44 -7.71 -36.02 -5.37
N ASP A 45 -8.04 -36.79 -4.32
CA ASP A 45 -7.57 -36.50 -2.99
C ASP A 45 -7.07 -37.76 -2.31
N SER A 46 -6.01 -37.63 -1.52
CA SER A 46 -5.40 -38.76 -0.78
C SER A 46 -6.31 -39.23 0.36
N ASP A 47 -7.11 -38.30 0.96
CA ASP A 47 -8.04 -38.59 2.07
C ASP A 47 -9.26 -39.35 1.54
N PRO A 48 -9.45 -40.64 1.96
CA PRO A 48 -10.63 -41.40 1.49
C PRO A 48 -11.94 -40.74 1.90
N GLY A 49 -11.90 -39.98 3.00
CA GLY A 49 -13.04 -39.25 3.54
C GLY A 49 -13.54 -38.17 2.61
N THR A 50 -12.63 -37.30 2.14
CA THR A 50 -12.97 -36.23 1.20
C THR A 50 -13.56 -36.81 -0.08
N VAL A 51 -12.91 -37.87 -0.61
CA VAL A 51 -13.29 -38.51 -1.87
C VAL A 51 -14.72 -39.08 -1.78
N ALA A 52 -15.02 -39.83 -0.70
CA ALA A 52 -16.34 -40.41 -0.45
C ALA A 52 -17.43 -39.33 -0.33
N ASP A 53 -17.11 -38.17 0.29
CA ASP A 53 -18.04 -37.05 0.45
C ASP A 53 -18.43 -36.44 -0.91
N LEU A 54 -17.42 -36.05 -1.72
CA LEU A 54 -17.64 -35.43 -3.02
C LEU A 54 -18.42 -36.37 -3.96
N ARG A 55 -18.20 -37.71 -3.82
CA ARG A 55 -18.86 -38.76 -4.61
C ARG A 55 -20.36 -38.83 -4.25
N ALA A 56 -20.70 -38.53 -3.00
CA ALA A 56 -22.08 -38.57 -2.51
C ALA A 56 -22.77 -37.19 -2.55
N GLY A 57 -22.02 -36.15 -2.93
CA GLY A 57 -22.54 -34.78 -3.01
C GLY A 57 -22.45 -34.04 -1.69
N ARG A 58 -21.56 -34.50 -0.80
CA ARG A 58 -21.35 -33.89 0.51
C ARG A 58 -20.06 -33.04 0.54
N CYS A 59 -20.07 -31.98 1.38
CA CYS A 59 -18.90 -31.13 1.58
C CYS A 59 -18.87 -30.58 2.99
N ARG A 60 -17.81 -30.90 3.74
CA ARG A 60 -17.66 -30.46 5.13
C ARG A 60 -17.18 -29.02 5.24
N LEU A 61 -16.79 -28.40 4.10
CA LEU A 61 -16.28 -27.02 4.07
C LEU A 61 -17.39 -25.99 4.32
N PRO A 62 -17.11 -24.99 5.20
CA PRO A 62 -18.14 -23.98 5.50
C PRO A 62 -18.34 -22.96 4.41
N GLU A 63 -17.37 -22.81 3.47
CA GLU A 63 -17.44 -21.80 2.41
C GLU A 63 -18.89 -21.65 1.90
N PRO A 64 -19.47 -20.43 2.01
CA PRO A 64 -20.87 -20.25 1.59
C PRO A 64 -21.15 -20.61 0.13
N GLY A 65 -22.12 -21.51 -0.06
CA GLY A 65 -22.58 -21.99 -1.36
C GLY A 65 -21.85 -23.21 -1.88
N LEU A 66 -20.75 -23.61 -1.22
CA LEU A 66 -19.90 -24.71 -1.67
C LEU A 66 -20.52 -26.10 -1.48
N ALA A 67 -21.06 -26.43 -0.28
CA ALA A 67 -21.68 -27.75 -0.03
C ALA A 67 -22.89 -28.00 -0.95
N GLY A 68 -23.58 -26.92 -1.32
CA GLY A 68 -24.72 -26.97 -2.23
C GLY A 68 -24.29 -27.14 -3.68
N ALA A 69 -23.23 -26.43 -4.11
CA ALA A 69 -22.68 -26.52 -5.47
C ALA A 69 -22.23 -27.96 -5.76
N VAL A 70 -21.52 -28.58 -4.77
CA VAL A 70 -21.06 -29.98 -4.76
C VAL A 70 -22.28 -30.90 -4.95
N ARG A 71 -23.30 -30.75 -4.09
CA ARG A 71 -24.56 -31.50 -4.08
C ARG A 71 -25.17 -31.59 -5.47
N ASP A 72 -25.32 -30.44 -6.14
CA ASP A 72 -25.98 -30.32 -7.44
C ASP A 72 -25.11 -30.88 -8.58
N LEU A 73 -23.80 -30.54 -8.58
CA LEU A 73 -22.90 -30.96 -9.66
C LEU A 73 -22.51 -32.44 -9.58
N ALA A 74 -22.50 -33.03 -8.36
CA ALA A 74 -22.25 -34.47 -8.22
C ALA A 74 -23.43 -35.25 -8.80
N ALA A 75 -24.65 -34.66 -8.75
CA ALA A 75 -25.88 -35.23 -9.30
C ALA A 75 -25.93 -35.12 -10.84
N THR A 76 -25.24 -34.12 -11.44
CA THR A 76 -25.19 -33.95 -12.91
C THR A 76 -24.18 -34.93 -13.51
N GLY A 77 -23.30 -35.45 -12.66
CA GLY A 77 -22.25 -36.39 -13.06
C GLY A 77 -21.00 -35.71 -13.57
N ARG A 78 -21.00 -34.37 -13.65
CA ARG A 78 -19.83 -33.62 -14.13
C ARG A 78 -18.78 -33.53 -13.04
N LEU A 79 -19.19 -33.72 -11.79
CA LEU A 79 -18.25 -33.70 -10.69
C LEU A 79 -18.14 -35.06 -10.04
N THR A 80 -16.97 -35.69 -10.19
CA THR A 80 -16.67 -36.98 -9.57
C THR A 80 -15.37 -36.86 -8.77
N ALA A 81 -15.08 -37.83 -7.92
CA ALA A 81 -13.88 -37.84 -7.10
C ALA A 81 -13.25 -39.22 -7.08
N SER A 82 -11.92 -39.29 -6.84
CA SER A 82 -11.14 -40.54 -6.81
C SER A 82 -9.96 -40.42 -5.84
N THR A 83 -9.50 -41.56 -5.26
CA THR A 83 -8.29 -41.54 -4.42
C THR A 83 -7.09 -41.84 -5.34
N SER A 84 -7.40 -42.41 -6.54
CA SER A 84 -6.45 -42.78 -7.59
C SER A 84 -6.20 -41.65 -8.61
N TYR A 85 -4.99 -41.64 -9.18
CA TYR A 85 -4.58 -40.67 -10.18
C TYR A 85 -4.81 -41.23 -11.60
N ASP A 86 -5.41 -42.42 -11.71
CA ASP A 86 -5.70 -43.06 -13.00
C ASP A 86 -6.53 -42.15 -13.97
N PRO A 87 -7.51 -41.29 -13.50
CA PRO A 87 -8.23 -40.43 -14.45
C PRO A 87 -7.36 -39.32 -15.10
N VAL A 88 -6.06 -39.17 -14.69
CA VAL A 88 -5.12 -38.21 -15.30
C VAL A 88 -4.92 -38.54 -16.81
N GLY A 89 -4.84 -39.82 -17.14
CA GLY A 89 -4.67 -40.28 -18.52
C GLY A 89 -5.76 -39.87 -19.51
N ALA A 90 -7.01 -39.74 -19.04
CA ALA A 90 -8.14 -39.34 -19.88
C ALA A 90 -8.34 -37.80 -19.88
N ALA A 91 -7.63 -37.10 -18.97
CA ALA A 91 -7.75 -35.65 -18.76
C ALA A 91 -7.15 -34.83 -19.88
N ASP A 92 -7.64 -33.59 -19.99
CA ASP A 92 -7.15 -32.58 -20.92
C ASP A 92 -6.21 -31.65 -20.13
N VAL A 93 -6.65 -31.30 -18.90
CA VAL A 93 -6.00 -30.34 -18.00
C VAL A 93 -5.89 -30.94 -16.59
N VAL A 94 -4.68 -30.85 -15.99
CA VAL A 94 -4.42 -31.32 -14.63
C VAL A 94 -4.04 -30.10 -13.78
N ILE A 95 -4.86 -29.78 -12.75
CA ILE A 95 -4.60 -28.63 -11.87
C ILE A 95 -4.16 -29.13 -10.48
N VAL A 96 -2.93 -28.77 -10.04
CA VAL A 96 -2.36 -29.19 -8.76
C VAL A 96 -2.58 -28.10 -7.70
N THR A 97 -3.44 -28.41 -6.72
CA THR A 97 -3.80 -27.49 -5.63
C THR A 97 -3.53 -28.13 -4.26
N VAL A 98 -2.58 -29.09 -4.19
CA VAL A 98 -2.26 -29.79 -2.94
C VAL A 98 -1.59 -28.83 -1.94
N GLY A 99 -1.58 -29.23 -0.68
CA GLY A 99 -0.98 -28.45 0.40
C GLY A 99 0.53 -28.26 0.28
N THR A 100 0.99 -27.06 0.64
CA THR A 100 2.40 -26.69 0.66
C THR A 100 2.70 -26.00 2.01
N PRO A 101 2.57 -26.71 3.17
CA PRO A 101 2.85 -26.04 4.46
C PRO A 101 4.33 -25.76 4.65
N THR A 102 4.66 -24.79 5.52
CA THR A 102 6.04 -24.47 5.82
C THR A 102 6.40 -25.06 7.17
N ASP A 103 7.67 -25.26 7.42
CA ASP A 103 8.14 -25.75 8.72
C ASP A 103 8.47 -24.54 9.59
N ALA A 104 9.03 -24.78 10.80
CA ALA A 104 9.41 -23.71 11.75
C ALA A 104 10.40 -22.74 11.15
N GLY A 105 11.20 -23.22 10.19
CA GLY A 105 12.22 -22.43 9.52
C GLY A 105 11.73 -21.69 8.30
N HIS A 106 10.39 -21.72 8.07
CA HIS A 106 9.69 -21.06 6.96
C HIS A 106 10.09 -21.68 5.62
N GLU A 107 10.58 -22.92 5.68
CA GLU A 107 10.91 -23.69 4.50
C GLU A 107 9.71 -24.52 4.15
N MSE A 108 9.34 -24.50 2.88
CA MSE A 108 8.23 -25.22 2.32
C MSE A 108 8.40 -26.74 2.51
O MSE A 108 9.50 -27.25 2.31
CB MSE A 108 8.13 -24.85 0.84
CG MSE A 108 7.11 -25.60 0.06
SE MSE A 108 7.18 -25.05 -1.81
CE MSE A 108 9.07 -25.49 -2.25
N VAL A 109 7.33 -27.43 2.97
CA VAL A 109 7.30 -28.90 3.13
C VAL A 109 6.70 -29.48 1.84
N THR A 110 7.58 -30.04 0.98
CA THR A 110 7.26 -30.51 -0.39
C THR A 110 6.63 -31.92 -0.46
N ASP A 111 6.53 -32.62 0.68
CA ASP A 111 6.00 -33.99 0.79
C ASP A 111 4.70 -34.25 -0.01
N GLN A 112 3.67 -33.41 0.15
CA GLN A 112 2.40 -33.59 -0.55
C GLN A 112 2.55 -33.32 -2.06
N LEU A 113 3.28 -32.25 -2.40
CA LEU A 113 3.52 -31.86 -3.79
C LEU A 113 4.29 -32.95 -4.54
N VAL A 114 5.39 -33.42 -3.94
CA VAL A 114 6.24 -34.48 -4.50
C VAL A 114 5.42 -35.76 -4.72
N ALA A 115 4.58 -36.14 -3.72
CA ALA A 115 3.73 -37.34 -3.83
C ALA A 115 2.74 -37.22 -4.99
N ALA A 116 2.10 -36.03 -5.13
CA ALA A 116 1.14 -35.73 -6.19
C ALA A 116 1.80 -35.80 -7.57
N CYS A 117 3.00 -35.20 -7.72
CA CYS A 117 3.73 -35.17 -8.99
C CYS A 117 4.24 -36.54 -9.39
N GLU A 118 4.72 -37.34 -8.42
CA GLU A 118 5.20 -38.70 -8.66
C GLU A 118 4.08 -39.62 -9.14
N GLN A 119 2.83 -39.33 -8.74
CA GLN A 119 1.66 -40.09 -9.17
C GLN A 119 1.18 -39.64 -10.56
N ILE A 120 1.21 -38.33 -10.84
CA ILE A 120 0.78 -37.74 -12.11
C ILE A 120 1.77 -38.12 -13.27
N ALA A 121 3.10 -37.99 -13.01
CA ALA A 121 4.17 -38.18 -14.01
C ALA A 121 4.00 -39.40 -14.94
N PRO A 122 3.81 -40.66 -14.45
CA PRO A 122 3.72 -41.79 -15.41
C PRO A 122 2.40 -41.79 -16.20
N ARG A 123 1.37 -41.08 -15.70
CA ARG A 123 0.05 -41.00 -16.35
C ARG A 123 -0.03 -39.84 -17.37
N LEU A 124 0.96 -38.90 -17.35
CA LEU A 124 0.99 -37.77 -18.28
C LEU A 124 1.17 -38.23 -19.72
N ARG A 125 0.43 -37.58 -20.65
CA ARG A 125 0.58 -37.84 -22.09
C ARG A 125 0.89 -36.51 -22.79
N ALA A 126 1.44 -36.60 -24.00
CA ALA A 126 1.78 -35.44 -24.80
C ALA A 126 0.52 -34.64 -25.16
N GLY A 127 0.65 -33.33 -25.08
CA GLY A 127 -0.43 -32.39 -25.41
C GLY A 127 -1.32 -32.01 -24.26
N GLN A 128 -1.08 -32.56 -23.07
CA GLN A 128 -1.86 -32.20 -21.88
C GLN A 128 -1.39 -30.86 -21.33
N LEU A 129 -2.23 -30.23 -20.50
CA LEU A 129 -1.87 -28.99 -19.85
C LEU A 129 -1.84 -29.24 -18.34
N VAL A 130 -0.74 -28.86 -17.68
CA VAL A 130 -0.60 -28.99 -16.23
C VAL A 130 -0.47 -27.58 -15.62
N ILE A 131 -1.33 -27.25 -14.67
CA ILE A 131 -1.30 -25.98 -13.97
C ILE A 131 -0.99 -26.23 -12.47
N LEU A 132 0.06 -25.59 -11.95
CA LEU A 132 0.33 -25.64 -10.52
C LEU A 132 -0.33 -24.38 -9.90
N LYS A 133 -1.08 -24.56 -8.83
CA LYS A 133 -1.80 -23.48 -8.18
C LYS A 133 -1.38 -23.28 -6.69
N SER A 134 -0.77 -24.28 -6.08
CA SER A 134 -0.31 -24.23 -4.67
C SER A 134 0.69 -23.09 -4.44
N THR A 135 0.60 -22.37 -3.28
CA THR A 135 1.53 -21.29 -2.91
C THR A 135 2.88 -21.92 -2.64
N VAL A 136 3.82 -21.68 -3.54
CA VAL A 136 5.15 -22.28 -3.51
C VAL A 136 6.20 -21.20 -3.48
N SER A 137 7.44 -21.56 -3.14
CA SER A 137 8.56 -20.65 -3.21
C SER A 137 8.97 -20.48 -4.69
N PRO A 138 9.36 -19.26 -5.14
CA PRO A 138 9.68 -19.05 -6.56
C PRO A 138 10.71 -20.03 -7.14
N GLY A 139 10.39 -20.61 -8.30
CA GLY A 139 11.24 -21.59 -8.97
C GLY A 139 10.80 -23.03 -8.83
N THR A 140 9.79 -23.29 -7.95
CA THR A 140 9.24 -24.62 -7.70
C THR A 140 8.62 -25.26 -8.96
N THR A 141 7.82 -24.49 -9.72
CA THR A 141 7.16 -25.01 -10.94
C THR A 141 8.20 -25.56 -11.93
N ARG A 142 9.25 -24.78 -12.20
CA ARG A 142 10.29 -25.09 -13.17
C ARG A 142 11.41 -26.02 -12.64
N THR A 143 11.84 -25.88 -11.36
CA THR A 143 12.99 -26.66 -10.86
C THR A 143 12.62 -27.88 -9.97
N LEU A 144 11.38 -27.96 -9.45
CA LEU A 144 10.98 -29.11 -8.60
C LEU A 144 9.86 -29.91 -9.24
N VAL A 145 8.78 -29.24 -9.64
CA VAL A 145 7.64 -29.91 -10.26
C VAL A 145 7.98 -30.45 -11.66
N ALA A 146 8.52 -29.59 -12.57
CA ALA A 146 8.87 -30.01 -13.95
C ALA A 146 9.77 -31.28 -14.00
N PRO A 147 10.93 -31.37 -13.29
CA PRO A 147 11.73 -32.62 -13.37
C PRO A 147 10.95 -33.87 -12.89
N LEU A 148 10.07 -33.71 -11.87
CA LEU A 148 9.27 -34.82 -11.35
C LEU A 148 8.26 -35.31 -12.40
N LEU A 149 7.65 -34.38 -13.16
CA LEU A 149 6.68 -34.71 -14.22
C LEU A 149 7.40 -35.21 -15.45
N GLU A 150 8.72 -34.97 -15.56
CA GLU A 150 9.52 -35.40 -16.72
C GLU A 150 10.17 -36.78 -16.53
N SER A 151 9.95 -37.44 -15.38
CA SER A 151 10.48 -38.77 -15.11
C SER A 151 9.89 -39.83 -16.07
N GLY A 152 8.63 -39.61 -16.46
CA GLY A 152 7.91 -40.47 -17.40
C GLY A 152 8.32 -40.35 -18.88
N GLY A 153 9.41 -39.62 -19.15
CA GLY A 153 9.94 -39.46 -20.50
C GLY A 153 9.58 -38.18 -21.26
N LEU A 154 8.52 -37.48 -20.85
CA LEU A 154 8.10 -36.26 -21.55
C LEU A 154 8.98 -35.08 -21.15
N VAL A 155 8.93 -34.00 -21.95
CA VAL A 155 9.65 -32.74 -21.69
C VAL A 155 8.62 -31.60 -21.68
N HIS A 156 8.59 -30.81 -20.58
CA HIS A 156 7.65 -29.70 -20.40
C HIS A 156 7.89 -28.64 -21.47
N GLU A 157 6.82 -27.87 -21.83
CA GLU A 157 6.84 -26.81 -22.85
C GLU A 157 6.93 -27.41 -24.29
N ARG A 158 7.64 -28.52 -24.46
CA ARG A 158 7.73 -29.19 -25.76
C ARG A 158 6.60 -30.18 -25.93
N ASP A 159 6.41 -31.10 -24.95
CA ASP A 159 5.44 -32.19 -25.07
C ASP A 159 4.14 -31.91 -24.33
N PHE A 160 4.22 -31.18 -23.23
CA PHE A 160 3.07 -30.85 -22.42
C PHE A 160 3.23 -29.44 -21.87
N GLY A 161 2.09 -28.83 -21.52
CA GLY A 161 2.05 -27.49 -20.98
C GLY A 161 2.27 -27.48 -19.49
N LEU A 162 3.09 -26.54 -19.01
CA LEU A 162 3.28 -26.37 -17.57
C LEU A 162 3.27 -24.91 -17.25
N ALA A 163 2.31 -24.51 -16.42
CA ALA A 163 2.15 -23.12 -16.01
C ALA A 163 1.83 -23.02 -14.53
N PHE A 164 2.25 -21.91 -13.91
CA PHE A 164 1.87 -21.59 -12.53
C PHE A 164 0.84 -20.51 -12.57
N CYS A 165 -0.18 -20.65 -11.75
CA CYS A 165 -1.15 -19.59 -11.66
C CYS A 165 -1.63 -19.46 -10.21
N PRO A 166 -1.31 -18.28 -9.59
CA PRO A 166 -1.62 -18.06 -8.17
C PRO A 166 -3.11 -18.12 -7.82
N GLU A 167 -3.41 -18.65 -6.65
CA GLU A 167 -4.74 -18.67 -6.10
C GLU A 167 -4.97 -17.33 -5.40
N ARG A 168 -6.03 -16.60 -5.77
CA ARG A 168 -6.28 -15.30 -5.13
C ARG A 168 -7.72 -15.25 -4.54
N LEU A 169 -8.23 -16.44 -4.10
CA LEU A 169 -9.56 -16.62 -3.51
C LEU A 169 -9.71 -15.90 -2.17
N ALA A 170 -10.82 -15.17 -2.01
CA ALA A 170 -11.14 -14.49 -0.75
C ALA A 170 -12.09 -15.38 0.10
N GLU A 171 -11.57 -15.95 1.23
CA GLU A 171 -12.34 -16.83 2.12
C GLU A 171 -13.61 -16.12 2.62
N GLY A 172 -14.77 -16.69 2.31
CA GLY A 172 -16.07 -16.13 2.69
C GLY A 172 -16.91 -15.76 1.49
N VAL A 173 -16.27 -15.18 0.44
CA VAL A 173 -16.93 -14.75 -0.81
C VAL A 173 -16.23 -15.42 -2.05
N ALA A 174 -15.58 -16.59 -1.84
CA ALA A 174 -14.82 -17.32 -2.86
C ALA A 174 -15.61 -17.52 -4.16
N LEU A 175 -16.77 -18.20 -4.10
CA LEU A 175 -17.58 -18.56 -5.27
C LEU A 175 -18.14 -17.34 -6.00
N ALA A 176 -18.44 -16.27 -5.23
CA ALA A 176 -18.97 -15.02 -5.72
C ALA A 176 -17.88 -14.11 -6.31
N GLN A 177 -16.58 -14.46 -6.13
CA GLN A 177 -15.49 -13.63 -6.63
C GLN A 177 -14.54 -14.36 -7.58
N VAL A 178 -14.53 -15.73 -7.55
CA VAL A 178 -13.71 -16.62 -8.39
C VAL A 178 -13.84 -16.28 -9.91
N ARG A 179 -14.93 -15.60 -10.31
CA ARG A 179 -15.10 -15.20 -11.70
C ARG A 179 -15.01 -13.66 -11.90
N THR A 180 -14.90 -12.88 -10.80
CA THR A 180 -14.79 -11.42 -10.88
C THR A 180 -13.32 -10.99 -11.05
N LEU A 181 -12.39 -11.95 -10.87
CA LEU A 181 -10.98 -11.67 -10.81
C LEU A 181 -10.22 -12.23 -11.98
N PRO A 182 -9.32 -11.43 -12.57
CA PRO A 182 -8.46 -11.96 -13.63
C PRO A 182 -7.45 -12.98 -13.06
N VAL A 183 -7.17 -14.03 -13.85
CA VAL A 183 -6.23 -15.07 -13.46
C VAL A 183 -4.84 -14.67 -13.91
N VAL A 184 -3.87 -14.66 -12.97
CA VAL A 184 -2.47 -14.38 -13.31
C VAL A 184 -1.88 -15.71 -13.81
N VAL A 185 -1.32 -15.69 -15.05
CA VAL A 185 -0.74 -16.87 -15.69
C VAL A 185 0.73 -16.67 -15.95
N GLY A 186 1.54 -17.56 -15.39
CA GLY A 186 2.98 -17.65 -15.59
C GLY A 186 3.34 -18.99 -16.20
N GLY A 187 3.52 -19.02 -17.52
CA GLY A 187 3.84 -20.24 -18.23
C GLY A 187 5.31 -20.56 -18.24
N CYS A 188 5.67 -21.85 -18.32
CA CYS A 188 7.08 -22.20 -18.38
C CYS A 188 7.63 -22.06 -19.82
N GLY A 189 6.83 -21.44 -20.69
CA GLY A 189 7.16 -21.21 -22.09
C GLY A 189 6.00 -20.62 -22.87
N PRO A 190 6.23 -20.20 -24.15
CA PRO A 190 5.12 -19.57 -24.91
C PRO A 190 3.97 -20.52 -25.22
N ARG A 191 4.24 -21.82 -25.40
CA ARG A 191 3.20 -22.82 -25.69
C ARG A 191 2.33 -23.06 -24.44
N SER A 192 2.98 -23.22 -23.27
CA SER A 192 2.32 -23.44 -21.97
C SER A 192 1.49 -22.21 -21.53
N ALA A 193 2.00 -20.99 -21.78
CA ALA A 193 1.34 -19.72 -21.46
C ALA A 193 0.08 -19.50 -22.29
N ALA A 194 0.13 -19.81 -23.60
CA ALA A 194 -1.00 -19.67 -24.52
C ALA A 194 -2.14 -20.65 -24.15
N ALA A 195 -1.79 -21.92 -23.84
CA ALA A 195 -2.75 -22.95 -23.44
C ALA A 195 -3.44 -22.63 -22.11
N ALA A 196 -2.69 -22.10 -21.13
CA ALA A 196 -3.22 -21.74 -19.81
C ALA A 196 -4.24 -20.59 -19.92
N GLU A 197 -3.91 -19.52 -20.68
CA GLU A 197 -4.81 -18.40 -20.92
C GLU A 197 -6.09 -18.87 -21.63
N ARG A 198 -5.95 -19.65 -22.73
CA ARG A 198 -7.06 -20.18 -23.49
C ARG A 198 -7.99 -20.99 -22.57
N PHE A 199 -7.39 -21.78 -21.63
CA PHE A 199 -8.12 -22.61 -20.67
C PHE A 199 -8.97 -21.76 -19.75
N TRP A 200 -8.36 -20.84 -18.98
CA TRP A 200 -9.08 -20.00 -18.04
C TRP A 200 -10.15 -19.15 -18.70
N ARG A 201 -9.87 -18.60 -19.89
CA ARG A 201 -10.83 -17.76 -20.60
C ARG A 201 -12.06 -18.55 -21.02
N SER A 202 -11.88 -19.78 -21.57
CA SER A 202 -13.01 -20.57 -22.00
C SER A 202 -13.67 -21.35 -20.85
N ALA A 203 -12.87 -21.99 -19.98
CA ALA A 203 -13.40 -22.82 -18.91
C ALA A 203 -13.99 -21.99 -17.75
N LEU A 204 -13.46 -20.77 -17.50
CA LEU A 204 -13.92 -19.92 -16.38
C LEU A 204 -14.64 -18.63 -16.80
N GLY A 205 -14.38 -18.15 -18.02
CA GLY A 205 -14.97 -16.92 -18.52
C GLY A 205 -14.42 -15.69 -17.84
N VAL A 206 -13.14 -15.73 -17.46
CA VAL A 206 -12.43 -14.64 -16.77
C VAL A 206 -11.35 -14.07 -17.68
N ASP A 207 -10.88 -12.87 -17.37
CA ASP A 207 -9.75 -12.29 -18.07
C ASP A 207 -8.45 -12.93 -17.52
N VAL A 208 -7.37 -12.88 -18.31
CA VAL A 208 -6.09 -13.43 -17.92
C VAL A 208 -5.09 -12.29 -17.91
N ARG A 209 -4.17 -12.29 -16.93
CA ARG A 209 -3.04 -11.38 -16.83
C ARG A 209 -1.75 -12.20 -16.98
N GLN A 210 -1.07 -12.10 -18.14
CA GLN A 210 0.14 -12.85 -18.39
C GLN A 210 1.38 -12.23 -17.74
N VAL A 211 2.24 -13.09 -17.16
CA VAL A 211 3.55 -12.68 -16.62
C VAL A 211 4.64 -13.51 -17.37
N PRO A 212 5.86 -12.96 -17.57
CA PRO A 212 6.83 -13.64 -18.47
C PRO A 212 7.32 -15.03 -18.07
N SER A 213 7.05 -15.47 -16.84
CA SER A 213 7.54 -16.76 -16.37
C SER A 213 6.70 -17.28 -15.23
N ALA A 214 6.84 -18.59 -14.93
CA ALA A 214 6.20 -19.22 -13.78
C ALA A 214 6.71 -18.59 -12.50
N GLU A 215 8.04 -18.25 -12.44
CA GLU A 215 8.70 -17.61 -11.30
C GLU A 215 8.05 -16.28 -10.97
N SER A 216 7.80 -15.48 -12.01
CA SER A 216 7.14 -14.19 -11.89
C SER A 216 5.73 -14.36 -11.27
N ALA A 217 4.95 -15.37 -11.72
CA ALA A 217 3.61 -15.68 -11.19
C ALA A 217 3.66 -16.16 -9.72
N GLU A 218 4.74 -16.89 -9.35
CA GLU A 218 4.97 -17.36 -7.99
C GLU A 218 5.27 -16.17 -7.06
N VAL A 219 5.99 -15.15 -7.57
CA VAL A 219 6.33 -13.95 -6.80
C VAL A 219 5.06 -13.10 -6.61
N VAL A 220 4.18 -13.03 -7.62
CA VAL A 220 2.94 -12.25 -7.52
C VAL A 220 2.16 -12.62 -6.23
N LYS A 221 1.98 -13.93 -5.97
CA LYS A 221 1.28 -14.43 -4.78
C LYS A 221 1.96 -13.97 -3.48
N LEU A 222 3.28 -14.20 -3.36
CA LEU A 222 4.06 -13.84 -2.17
C LEU A 222 4.16 -12.32 -1.98
N ALA A 223 4.31 -11.55 -3.08
CA ALA A 223 4.36 -10.08 -3.06
C ALA A 223 3.04 -9.49 -2.58
N THR A 224 1.90 -10.13 -2.97
CA THR A 224 0.55 -9.67 -2.58
C THR A 224 0.37 -9.81 -1.06
N ASN A 225 0.65 -11.01 -0.52
CA ASN A 225 0.49 -11.28 0.90
C ASN A 225 1.49 -10.50 1.77
N TRP A 226 2.70 -10.22 1.24
CA TRP A 226 3.73 -9.39 1.86
C TRP A 226 3.24 -7.94 1.95
N TRP A 227 2.65 -7.42 0.83
CA TRP A 227 2.06 -6.09 0.76
C TRP A 227 0.92 -5.93 1.77
N ILE A 228 -0.04 -6.89 1.80
CA ILE A 228 -1.17 -6.85 2.72
C ILE A 228 -0.68 -6.85 4.18
N ASP A 229 0.09 -7.89 4.56
CA ASP A 229 0.59 -8.05 5.91
C ASP A 229 1.34 -6.76 6.38
N ALA A 230 2.22 -6.22 5.54
CA ALA A 230 3.00 -5.02 5.86
C ALA A 230 2.13 -3.74 5.91
N ASN A 231 1.05 -3.69 5.13
CA ASN A 231 0.17 -2.53 5.14
C ASN A 231 -0.84 -2.55 6.32
N VAL A 232 -1.10 -3.75 6.90
CA VAL A 232 -1.89 -3.89 8.14
C VAL A 232 -1.00 -3.42 9.31
N ALA A 233 0.30 -3.70 9.23
CA ALA A 233 1.30 -3.27 10.24
C ALA A 233 1.40 -1.74 10.29
N ILE A 234 1.42 -1.06 9.11
CA ILE A 234 1.45 0.41 9.03
C ILE A 234 0.19 0.94 9.74
N ALA A 235 -0.98 0.37 9.35
CA ALA A 235 -2.32 0.70 9.87
C ALA A 235 -2.46 0.49 11.39
N ASN A 236 -1.93 -0.65 11.92
CA ASN A 236 -1.99 -0.93 13.37
C ASN A 236 -1.18 0.07 14.18
N GLU A 237 0.04 0.42 13.71
CA GLU A 237 0.91 1.43 14.33
C GLU A 237 0.28 2.80 14.21
N LEU A 238 -0.33 3.12 13.05
CA LEU A 238 -1.02 4.39 12.87
C LEU A 238 -2.16 4.52 13.93
N ALA A 239 -2.86 3.41 14.24
CA ALA A 239 -3.92 3.41 15.25
C ALA A 239 -3.35 3.70 16.65
N ARG A 240 -2.21 3.05 17.02
CA ARG A 240 -1.51 3.23 18.31
C ARG A 240 -1.01 4.67 18.45
N TYR A 241 -0.64 5.29 17.32
CA TYR A 241 -0.19 6.68 17.26
C TYR A 241 -1.40 7.67 17.40
N CYS A 242 -2.53 7.39 16.70
CA CYS A 242 -3.74 8.20 16.78
C CYS A 242 -4.31 8.17 18.18
N ALA A 243 -4.19 7.01 18.86
CA ALA A 243 -4.64 6.79 20.22
C ALA A 243 -4.01 7.78 21.20
N VAL A 244 -2.67 7.98 21.13
CA VAL A 244 -1.99 8.94 22.03
C VAL A 244 -2.30 10.41 21.66
N LEU A 245 -2.85 10.65 20.45
CA LEU A 245 -3.18 12.00 20.01
C LEU A 245 -4.66 12.36 20.22
N GLY A 246 -5.49 11.36 20.48
CA GLY A 246 -6.93 11.54 20.68
C GLY A 246 -7.63 11.81 19.36
N VAL A 247 -7.09 11.22 18.28
CA VAL A 247 -7.55 11.34 16.90
C VAL A 247 -8.16 9.99 16.48
N ASP A 248 -9.24 10.02 15.66
CA ASP A 248 -9.86 8.77 15.17
C ASP A 248 -9.12 8.32 13.91
N VAL A 249 -8.45 7.15 14.00
CA VAL A 249 -7.65 6.57 12.90
C VAL A 249 -8.50 6.36 11.60
N LEU A 250 -9.79 5.97 11.74
CA LEU A 250 -10.66 5.76 10.58
C LEU A 250 -10.97 7.05 9.82
N ASP A 251 -11.04 8.21 10.51
CA ASP A 251 -11.24 9.51 9.83
C ASP A 251 -9.98 9.83 9.01
N VAL A 252 -8.80 9.51 9.59
CA VAL A 252 -7.49 9.74 8.99
C VAL A 252 -7.33 8.85 7.77
N ILE A 253 -7.60 7.52 7.91
CA ILE A 253 -7.48 6.55 6.80
C ILE A 253 -8.43 6.94 5.67
N GLY A 254 -9.67 7.24 6.01
CA GLY A 254 -10.67 7.64 5.05
C GLY A 254 -10.28 8.86 4.23
N ALA A 255 -9.74 9.90 4.91
CA ALA A 255 -9.30 11.15 4.26
C ALA A 255 -8.02 10.94 3.44
N ALA A 256 -7.07 10.15 3.96
CA ALA A 256 -5.81 9.87 3.29
C ALA A 256 -6.02 9.10 1.98
N ASN A 257 -6.99 8.17 1.98
CA ASN A 257 -7.27 7.30 0.83
C ASN A 257 -7.99 8.01 -0.32
N THR A 258 -8.32 9.29 -0.19
CA THR A 258 -8.92 10.09 -1.27
C THR A 258 -7.83 10.62 -2.24
N LEU A 259 -6.53 10.31 -1.97
CA LEU A 259 -5.45 10.76 -2.83
C LEU A 259 -5.03 9.66 -3.85
N PRO A 260 -5.14 9.95 -5.17
CA PRO A 260 -4.64 9.00 -6.18
C PRO A 260 -3.12 8.86 -6.06
N LYS A 261 -2.61 7.63 -6.17
CA LYS A 261 -1.18 7.34 -6.04
C LYS A 261 -0.91 6.00 -6.66
N GLY A 262 0.25 5.86 -7.29
CA GLY A 262 0.65 4.63 -7.97
C GLY A 262 -0.35 4.20 -9.03
N SER A 263 -0.73 2.91 -9.01
CA SER A 263 -1.69 2.34 -9.96
C SER A 263 -3.13 2.74 -9.66
N SER A 264 -3.44 3.10 -8.39
CA SER A 264 -4.81 3.48 -8.02
C SER A 264 -4.82 4.62 -6.98
N MSE A 265 -5.07 4.30 -5.69
CA MSE A 265 -5.15 5.27 -4.61
C MSE A 265 -4.20 4.96 -3.48
O MSE A 265 -3.80 3.81 -3.32
CB MSE A 265 -6.58 5.29 -4.00
CG MSE A 265 -7.70 5.38 -5.02
SE MSE A 265 -7.84 7.18 -5.75
CE MSE A 265 -9.02 8.00 -4.40
N VAL A 266 -3.95 5.98 -2.59
CA VAL A 266 -3.28 5.75 -1.32
C VAL A 266 -4.20 4.76 -0.64
N ASN A 267 -3.70 3.59 -0.26
CA ASN A 267 -4.56 2.57 0.31
C ASN A 267 -4.04 2.12 1.64
N LEU A 268 -4.35 2.92 2.66
CA LEU A 268 -4.11 2.59 4.04
C LEU A 268 -5.14 1.56 4.44
N LEU A 269 -4.68 0.38 4.85
CA LEU A 269 -5.61 -0.71 5.23
C LEU A 269 -6.24 -0.43 6.59
N LEU A 270 -7.26 -1.18 6.97
CA LEU A 270 -7.90 -0.95 8.24
C LEU A 270 -7.12 -1.61 9.37
N PRO A 271 -7.06 -0.98 10.56
CA PRO A 271 -6.36 -1.61 11.68
C PRO A 271 -7.22 -2.67 12.34
N GLY A 272 -6.62 -3.46 13.22
CA GLY A 272 -7.30 -4.56 13.88
C GLY A 272 -6.65 -4.99 15.18
N VAL A 273 -6.88 -6.25 15.53
CA VAL A 273 -6.47 -6.87 16.77
C VAL A 273 -5.26 -7.81 16.51
N GLY A 274 -4.78 -7.81 15.26
CA GLY A 274 -3.68 -8.65 14.82
C GLY A 274 -3.92 -9.27 13.46
N VAL A 275 -3.14 -10.32 13.12
CA VAL A 275 -3.19 -10.99 11.80
C VAL A 275 -3.19 -12.53 11.99
N GLY A 276 -4.09 -13.21 11.29
CA GLY A 276 -4.19 -14.66 11.28
C GLY A 276 -4.25 -15.30 9.89
N GLY A 277 -4.60 -16.59 9.83
CA GLY A 277 -4.70 -17.35 8.57
C GLY A 277 -3.36 -17.82 8.02
N SER A 278 -3.37 -18.72 7.02
CA SER A 278 -2.10 -19.25 6.44
C SER A 278 -1.36 -18.16 5.62
N CYS A 279 -2.08 -17.58 4.64
CA CYS A 279 -1.62 -16.56 3.73
C CYS A 279 -0.71 -15.48 4.41
N LEU A 280 -1.30 -14.64 5.26
CA LEU A 280 -0.63 -13.48 5.82
C LEU A 280 0.47 -13.75 6.89
N THR A 281 0.44 -14.87 7.62
CA THR A 281 1.49 -15.11 8.63
C THR A 281 2.59 -16.06 8.12
N LYS A 282 2.43 -16.68 6.93
CA LYS A 282 3.40 -17.66 6.41
C LYS A 282 4.03 -17.22 5.09
N ASP A 283 3.22 -16.76 4.11
CA ASP A 283 3.71 -16.33 2.79
C ASP A 283 4.80 -15.23 2.90
N PRO A 284 4.66 -14.18 3.76
CA PRO A 284 5.77 -13.20 3.87
C PRO A 284 7.05 -13.83 4.43
N TRP A 285 6.92 -14.73 5.45
CA TRP A 285 8.06 -15.43 6.04
C TRP A 285 8.73 -16.37 5.04
N MSE A 286 7.93 -16.95 4.13
CA MSE A 286 8.41 -17.84 3.07
C MSE A 286 9.27 -17.07 2.07
O MSE A 286 10.33 -17.56 1.66
CB MSE A 286 7.22 -18.50 2.36
CG MSE A 286 7.58 -19.81 1.69
SE MSE A 286 6.18 -20.41 0.45
CE MSE A 286 4.56 -20.27 1.69
N ALA A 287 8.81 -15.83 1.68
CA ALA A 287 9.54 -14.93 0.80
C ALA A 287 10.85 -14.49 1.49
N TRP A 288 10.77 -14.17 2.82
CA TRP A 288 11.90 -13.75 3.66
C TRP A 288 12.97 -14.84 3.69
N ARG A 289 12.56 -16.11 3.93
CA ARG A 289 13.45 -17.26 3.98
C ARG A 289 14.10 -17.54 2.62
N ASP A 290 13.31 -17.44 1.50
CA ASP A 290 13.81 -17.62 0.14
C ASP A 290 14.83 -16.53 -0.21
N GLY A 291 14.51 -15.29 0.13
CA GLY A 291 15.40 -14.17 -0.08
C GLY A 291 16.69 -14.30 0.69
N ARG A 292 16.58 -14.71 1.98
CA ARG A 292 17.72 -14.91 2.90
C ARG A 292 18.69 -15.94 2.33
N ASP A 293 18.17 -17.06 1.79
CA ASP A 293 18.99 -18.12 1.18
C ASP A 293 19.69 -17.63 -0.09
N ARG A 294 19.20 -16.54 -0.67
CA ARG A 294 19.73 -15.93 -1.89
C ARG A 294 20.50 -14.61 -1.61
N GLY A 295 20.62 -14.25 -0.33
CA GLY A 295 21.36 -13.06 0.10
C GLY A 295 20.61 -11.75 0.09
N VAL A 296 19.28 -11.80 0.12
CA VAL A 296 18.44 -10.59 0.15
C VAL A 296 17.73 -10.51 1.50
N SER A 297 17.89 -9.38 2.21
CA SER A 297 17.27 -9.18 3.51
C SER A 297 15.94 -8.48 3.34
N LEU A 298 14.82 -9.16 3.68
CA LEU A 298 13.49 -8.54 3.61
C LEU A 298 13.14 -7.99 5.01
N ARG A 299 13.64 -6.79 5.31
CA ARG A 299 13.44 -6.14 6.60
C ARG A 299 11.99 -5.72 6.82
N THR A 300 11.27 -5.30 5.74
CA THR A 300 9.85 -4.91 5.82
C THR A 300 9.01 -6.07 6.31
N VAL A 301 9.35 -7.31 5.91
CA VAL A 301 8.67 -8.53 6.36
C VAL A 301 8.93 -8.76 7.87
N GLU A 302 10.22 -8.76 8.28
CA GLU A 302 10.63 -8.93 9.68
C GLU A 302 9.82 -8.02 10.62
N THR A 303 9.73 -6.72 10.24
CA THR A 303 9.06 -5.68 11.02
C THR A 303 7.55 -5.88 10.99
N ALA A 304 6.95 -6.08 9.80
CA ALA A 304 5.51 -6.29 9.70
C ALA A 304 5.05 -7.49 10.56
N ARG A 305 5.83 -8.59 10.57
CA ARG A 305 5.48 -9.80 11.31
C ARG A 305 5.56 -9.57 12.80
N ALA A 306 6.57 -8.82 13.25
CA ALA A 306 6.76 -8.48 14.65
C ALA A 306 5.66 -7.52 15.15
N VAL A 307 5.36 -6.49 14.35
CA VAL A 307 4.34 -5.49 14.66
C VAL A 307 2.95 -6.17 14.84
N ASN A 308 2.56 -7.02 13.87
CA ASN A 308 1.25 -7.70 13.90
C ASN A 308 1.18 -8.80 14.94
N ASP A 309 2.34 -9.36 15.35
CA ASP A 309 2.35 -10.42 16.38
C ASP A 309 2.21 -9.81 17.78
N ASP A 310 2.50 -8.50 17.92
CA ASP A 310 2.42 -7.78 19.19
C ASP A 310 1.01 -7.19 19.42
N MSE A 311 0.19 -7.12 18.37
CA MSE A 311 -1.17 -6.57 18.44
C MSE A 311 -2.10 -7.32 19.40
O MSE A 311 -2.78 -6.64 20.18
CB MSE A 311 -1.80 -6.44 17.04
CG MSE A 311 -1.31 -5.24 16.27
SE MSE A 311 -1.44 -3.55 17.34
CE MSE A 311 -3.30 -3.25 17.28
N PRO A 312 -2.14 -8.68 19.43
CA PRO A 312 -3.06 -9.35 20.38
C PRO A 312 -2.79 -8.95 21.85
N ARG A 313 -1.49 -8.90 22.24
CA ARG A 313 -1.07 -8.51 23.60
C ARG A 313 -1.40 -7.05 23.85
N HIS A 314 -1.14 -6.17 22.84
CA HIS A 314 -1.45 -4.74 22.95
C HIS A 314 -2.97 -4.50 23.14
N THR A 315 -3.80 -5.24 22.39
CA THR A 315 -5.27 -5.13 22.44
C THR A 315 -5.79 -5.46 23.85
N ALA A 316 -5.25 -6.53 24.47
CA ALA A 316 -5.60 -6.93 25.83
C ALA A 316 -5.24 -5.85 26.85
N ALA A 317 -4.04 -5.23 26.68
CA ALA A 317 -3.55 -4.16 27.55
C ALA A 317 -4.46 -2.94 27.48
N VAL A 318 -4.90 -2.56 26.26
CA VAL A 318 -5.83 -1.44 26.05
C VAL A 318 -7.19 -1.74 26.73
N ILE A 319 -7.72 -2.99 26.59
CA ILE A 319 -8.98 -3.41 27.22
C ILE A 319 -8.90 -3.22 28.76
N ALA A 320 -7.87 -3.83 29.41
CA ALA A 320 -7.65 -3.76 30.85
C ALA A 320 -7.49 -2.30 31.32
N ASP A 321 -6.72 -1.49 30.58
CA ASP A 321 -6.52 -0.08 30.92
C ASP A 321 -7.82 0.72 30.81
N GLU A 322 -8.64 0.45 29.75
CA GLU A 322 -9.90 1.16 29.55
C GLU A 322 -10.93 0.77 30.59
N LEU A 323 -10.88 -0.48 31.08
CA LEU A 323 -11.77 -0.96 32.14
C LEU A 323 -11.39 -0.33 33.48
N VAL A 324 -10.07 -0.20 33.75
CA VAL A 324 -9.56 0.42 34.97
C VAL A 324 -10.05 1.87 35.04
N LYS A 325 -9.97 2.60 33.92
CA LYS A 325 -10.42 4.00 33.82
C LYS A 325 -11.93 4.16 34.11
N LEU A 326 -12.75 3.14 33.77
CA LEU A 326 -14.18 3.09 34.09
C LEU A 326 -14.43 2.87 35.59
N GLY A 327 -13.44 2.25 36.28
CA GLY A 327 -13.54 1.89 37.70
C GLY A 327 -13.87 0.41 37.88
N ARG A 328 -13.52 -0.39 36.87
CA ARG A 328 -13.73 -1.83 36.81
C ARG A 328 -12.39 -2.53 36.91
N ASP A 329 -12.39 -3.83 37.26
CA ASP A 329 -11.16 -4.63 37.39
C ASP A 329 -11.48 -6.11 37.17
N ARG A 330 -10.44 -6.98 37.20
CA ARG A 330 -10.60 -8.42 36.95
C ARG A 330 -11.56 -9.09 37.96
N ASN A 331 -11.80 -8.43 39.13
CA ASN A 331 -12.64 -8.97 40.22
C ASN A 331 -14.14 -8.69 40.07
N ASP A 332 -14.54 -7.64 39.35
CA ASP A 332 -15.94 -7.31 39.17
C ASP A 332 -16.36 -7.39 37.69
N THR A 333 -15.42 -7.70 36.77
CA THR A 333 -15.74 -7.72 35.34
C THR A 333 -15.51 -9.09 34.71
N THR A 334 -16.52 -9.56 33.97
CA THR A 334 -16.45 -10.71 33.09
C THR A 334 -16.45 -10.15 31.66
N ILE A 335 -15.46 -10.55 30.84
CA ILE A 335 -15.38 -10.03 29.49
C ILE A 335 -16.03 -11.01 28.52
N ALA A 336 -17.00 -10.51 27.76
CA ALA A 336 -17.64 -11.26 26.70
C ALA A 336 -16.92 -10.94 25.40
N VAL A 337 -16.15 -11.90 24.88
CA VAL A 337 -15.43 -11.74 23.61
C VAL A 337 -16.34 -12.21 22.46
N LEU A 338 -16.82 -11.25 21.66
CA LEU A 338 -17.74 -11.56 20.57
C LEU A 338 -16.99 -11.52 19.25
N GLY A 339 -16.78 -12.71 18.70
CA GLY A 339 -16.00 -12.93 17.48
C GLY A 339 -14.65 -13.55 17.79
N ALA A 340 -14.40 -14.77 17.28
CA ALA A 340 -13.16 -15.51 17.49
C ALA A 340 -12.41 -15.76 16.20
N ALA A 341 -13.12 -15.71 15.05
CA ALA A 341 -12.52 -15.91 13.74
C ALA A 341 -11.74 -14.67 13.30
N PHE A 342 -10.55 -14.89 12.69
CA PHE A 342 -9.67 -13.84 12.18
C PHE A 342 -10.32 -13.07 11.01
N LYS A 343 -11.13 -13.75 10.21
CA LYS A 343 -11.77 -13.13 9.06
C LYS A 343 -13.24 -12.94 9.31
N ASN A 344 -13.73 -11.73 9.02
CA ASN A 344 -15.13 -11.38 9.17
C ASN A 344 -15.98 -12.21 8.23
N ASP A 345 -17.18 -12.62 8.72
CA ASP A 345 -18.16 -13.42 7.99
C ASP A 345 -17.59 -14.82 7.64
N THR A 346 -16.66 -15.32 8.48
CA THR A 346 -16.07 -16.68 8.44
C THR A 346 -16.03 -17.22 9.86
N GLY A 347 -15.94 -18.54 10.00
CA GLY A 347 -15.87 -19.17 11.32
C GLY A 347 -14.57 -19.90 11.57
N ASP A 348 -13.51 -19.56 10.80
CA ASP A 348 -12.20 -20.22 10.92
C ASP A 348 -11.39 -19.58 12.07
N VAL A 349 -11.09 -20.40 13.09
CA VAL A 349 -10.34 -19.97 14.27
C VAL A 349 -8.98 -20.71 14.37
N ARG A 350 -8.58 -21.47 13.33
CA ARG A 350 -7.35 -22.28 13.29
C ARG A 350 -6.08 -21.48 13.63
N ASN A 351 -5.96 -20.24 13.09
CA ASN A 351 -4.86 -19.34 13.37
C ASN A 351 -5.44 -17.94 13.47
N THR A 352 -5.89 -17.55 14.69
CA THR A 352 -6.56 -16.26 14.91
C THR A 352 -5.87 -15.43 16.00
N PRO A 353 -5.72 -14.10 15.77
CA PRO A 353 -5.14 -13.22 16.83
C PRO A 353 -6.04 -13.08 18.09
N VAL A 354 -7.32 -13.52 17.98
CA VAL A 354 -8.27 -13.50 19.10
C VAL A 354 -7.75 -14.42 20.22
N ARG A 355 -7.08 -15.52 19.84
CA ARG A 355 -6.50 -16.47 20.79
C ARG A 355 -5.47 -15.78 21.69
N GLY A 356 -4.68 -14.88 21.10
CA GLY A 356 -3.66 -14.13 21.81
C GLY A 356 -4.25 -13.09 22.76
N VAL A 357 -5.31 -12.39 22.32
CA VAL A 357 -6.03 -11.39 23.14
C VAL A 357 -6.61 -12.07 24.39
N VAL A 358 -7.43 -13.14 24.18
CA VAL A 358 -8.09 -13.91 25.23
C VAL A 358 -7.04 -14.44 26.24
N ALA A 359 -5.94 -15.04 25.73
CA ALA A 359 -4.85 -15.58 26.55
C ALA A 359 -4.18 -14.49 27.39
N ALA A 360 -4.01 -13.28 26.82
CA ALA A 360 -3.39 -12.15 27.51
C ALA A 360 -4.33 -11.57 28.58
N LEU A 361 -5.64 -11.58 28.33
CA LEU A 361 -6.64 -11.12 29.30
C LEU A 361 -6.74 -12.12 30.44
N ARG A 362 -6.65 -13.41 30.13
CA ARG A 362 -6.69 -14.49 31.12
C ARG A 362 -5.36 -14.55 31.91
N ASP A 363 -4.29 -13.94 31.36
CA ASP A 363 -2.98 -13.88 31.98
C ASP A 363 -2.93 -12.74 33.04
N SER A 364 -3.94 -11.84 33.04
CA SER A 364 -4.01 -10.78 34.05
C SER A 364 -5.25 -11.01 34.95
N GLY A 365 -5.69 -12.27 34.99
CA GLY A 365 -6.73 -12.77 35.88
C GLY A 365 -8.17 -12.40 35.56
N PHE A 366 -8.45 -12.07 34.30
CA PHE A 366 -9.81 -11.70 33.89
C PHE A 366 -10.64 -12.91 33.51
N ARG A 367 -11.92 -12.92 33.94
CA ARG A 367 -12.88 -13.95 33.52
C ARG A 367 -13.31 -13.58 32.09
N VAL A 368 -13.13 -14.53 31.13
CA VAL A 368 -13.41 -14.26 29.71
C VAL A 368 -14.38 -15.33 29.16
N ARG A 369 -15.47 -14.86 28.52
CA ARG A 369 -16.46 -15.67 27.81
C ARG A 369 -16.25 -15.50 26.31
N ILE A 370 -16.41 -16.55 25.50
CA ILE A 370 -16.21 -16.41 24.06
C ILE A 370 -17.50 -16.77 23.31
N PHE A 371 -17.86 -15.95 22.31
CA PHE A 371 -19.02 -16.24 21.47
C PHE A 371 -18.84 -15.75 20.04
N ASP A 372 -18.74 -16.70 19.12
CA ASP A 372 -18.69 -16.47 17.67
C ASP A 372 -19.82 -17.30 17.08
N PRO A 373 -20.77 -16.67 16.35
CA PRO A 373 -21.93 -17.45 15.86
C PRO A 373 -21.60 -18.34 14.66
N LEU A 374 -20.48 -18.07 13.98
CA LEU A 374 -20.09 -18.79 12.76
C LEU A 374 -19.05 -19.88 13.00
N ALA A 375 -18.41 -19.89 14.19
CA ALA A 375 -17.37 -20.86 14.50
C ALA A 375 -17.94 -22.13 15.16
N ASP A 376 -17.30 -23.28 14.88
CA ASP A 376 -17.63 -24.57 15.46
C ASP A 376 -17.18 -24.59 16.93
N PRO A 377 -18.02 -25.12 17.87
CA PRO A 377 -17.63 -25.10 19.30
C PRO A 377 -16.38 -25.92 19.60
N ALA A 378 -16.15 -27.04 18.88
CA ALA A 378 -14.98 -27.89 19.06
C ALA A 378 -13.72 -27.19 18.58
N GLU A 379 -13.85 -26.31 17.57
CA GLU A 379 -12.76 -25.49 17.05
C GLU A 379 -12.30 -24.45 18.10
N ILE A 380 -13.24 -23.92 18.91
CA ILE A 380 -12.96 -22.97 19.98
C ILE A 380 -12.26 -23.70 21.15
N VAL A 381 -12.78 -24.89 21.54
CA VAL A 381 -12.24 -25.73 22.61
C VAL A 381 -10.76 -26.08 22.31
N ALA A 382 -10.46 -26.50 21.08
CA ALA A 382 -9.11 -26.90 20.66
C ALA A 382 -8.13 -25.73 20.64
N ARG A 383 -8.63 -24.51 20.33
CA ARG A 383 -7.78 -23.32 20.21
C ARG A 383 -7.68 -22.51 21.52
N PHE A 384 -8.82 -22.31 22.22
CA PHE A 384 -8.88 -21.46 23.41
C PHE A 384 -8.85 -22.26 24.73
N GLY A 385 -9.03 -23.59 24.66
CA GLY A 385 -8.99 -24.47 25.82
C GLY A 385 -10.26 -24.47 26.66
N THR A 386 -11.26 -23.68 26.27
CA THR A 386 -12.53 -23.54 26.98
C THR A 386 -13.69 -23.59 25.98
N ALA A 387 -14.87 -24.06 26.43
CA ALA A 387 -16.08 -24.11 25.61
C ALA A 387 -16.67 -22.71 25.45
N PRO A 388 -17.16 -22.34 24.24
CA PRO A 388 -17.73 -20.98 24.08
C PRO A 388 -19.09 -20.85 24.77
N ALA A 389 -19.67 -19.64 24.78
CA ALA A 389 -21.00 -19.42 25.35
C ALA A 389 -22.04 -20.10 24.46
N ALA A 390 -23.11 -20.65 25.08
CA ALA A 390 -24.17 -21.39 24.37
C ALA A 390 -24.89 -20.51 23.32
N SER A 391 -25.09 -19.21 23.65
CA SER A 391 -25.75 -18.23 22.78
C SER A 391 -25.20 -16.83 23.07
N LEU A 392 -25.68 -15.82 22.32
CA LEU A 392 -25.26 -14.44 22.53
C LEU A 392 -25.72 -13.96 23.90
N ASP A 393 -26.92 -14.37 24.34
CA ASP A 393 -27.45 -13.96 25.64
C ASP A 393 -26.63 -14.53 26.81
N GLU A 394 -26.10 -15.77 26.67
CA GLU A 394 -25.28 -16.39 27.72
C GLU A 394 -23.95 -15.63 27.89
N ALA A 395 -23.38 -15.14 26.76
CA ALA A 395 -22.11 -14.40 26.75
C ALA A 395 -22.26 -12.97 27.29
N VAL A 396 -23.29 -12.24 26.85
CA VAL A 396 -23.47 -10.83 27.22
C VAL A 396 -24.07 -10.64 28.62
N SER A 397 -24.83 -11.64 29.16
CA SER A 397 -25.49 -11.53 30.48
C SER A 397 -24.48 -11.34 31.61
N GLY A 398 -24.60 -10.21 32.30
CA GLY A 398 -23.71 -9.85 33.41
C GLY A 398 -22.32 -9.43 32.99
N ALA A 399 -22.09 -9.21 31.69
CA ALA A 399 -20.78 -8.82 31.20
C ALA A 399 -20.54 -7.35 31.43
N GLY A 400 -19.38 -7.04 32.01
CA GLY A 400 -18.93 -5.67 32.24
C GLY A 400 -18.17 -5.13 31.06
N CYS A 401 -17.97 -5.97 30.02
CA CYS A 401 -17.27 -5.61 28.79
C CYS A 401 -17.73 -6.48 27.62
N LEU A 402 -17.99 -5.83 26.47
CA LEU A 402 -18.30 -6.48 25.20
C LEU A 402 -17.18 -6.17 24.22
N ALA A 403 -16.24 -7.13 24.04
CA ALA A 403 -15.08 -6.96 23.16
C ALA A 403 -15.33 -7.57 21.78
N PHE A 404 -15.67 -6.72 20.79
CA PHE A 404 -15.93 -7.17 19.44
C PHE A 404 -14.59 -7.37 18.68
N LEU A 405 -14.05 -8.61 18.75
CA LEU A 405 -12.74 -8.94 18.19
C LEU A 405 -12.85 -9.55 16.76
N ALA A 406 -14.08 -9.55 16.20
CA ALA A 406 -14.40 -9.89 14.81
C ALA A 406 -15.59 -9.06 14.40
N GLY A 407 -15.55 -8.52 13.19
CA GLY A 407 -16.63 -7.67 12.67
C GLY A 407 -17.62 -8.41 11.83
N HIS A 408 -18.22 -9.50 12.35
CA HIS A 408 -19.23 -10.28 11.62
C HIS A 408 -20.49 -9.44 11.35
N ARG A 409 -21.19 -9.71 10.22
CA ARG A 409 -22.42 -9.01 9.83
C ARG A 409 -23.49 -9.12 10.94
N GLN A 410 -23.52 -10.28 11.63
CA GLN A 410 -24.40 -10.61 12.75
C GLN A 410 -24.24 -9.62 13.92
N PHE A 411 -23.02 -9.10 14.11
CA PHE A 411 -22.72 -8.18 15.20
C PHE A 411 -23.18 -6.76 14.91
N HIS A 412 -23.20 -6.39 13.62
CA HIS A 412 -23.69 -5.07 13.19
C HIS A 412 -25.20 -4.97 13.24
N GLU A 413 -25.91 -6.13 13.37
CA GLU A 413 -27.37 -6.21 13.40
C GLU A 413 -27.97 -6.23 14.82
N LEU A 414 -27.13 -6.29 15.86
CA LEU A 414 -27.59 -6.40 17.25
C LEU A 414 -28.33 -5.16 17.76
N ASP A 415 -29.35 -5.38 18.61
CA ASP A 415 -30.09 -4.33 19.29
C ASP A 415 -29.31 -4.01 20.55
N PHE A 416 -28.57 -2.87 20.54
CA PHE A 416 -27.73 -2.47 21.66
C PHE A 416 -28.57 -1.88 22.80
N GLY A 417 -29.77 -1.40 22.46
CA GLY A 417 -30.75 -0.96 23.45
C GLY A 417 -31.19 -2.16 24.28
N ALA A 418 -31.34 -3.32 23.61
CA ALA A 418 -31.68 -4.59 24.21
C ALA A 418 -30.47 -5.15 25.01
N LEU A 419 -29.23 -5.04 24.46
CA LEU A 419 -28.01 -5.52 25.14
C LEU A 419 -27.75 -4.75 26.43
N ALA A 420 -28.02 -3.42 26.45
CA ALA A 420 -27.85 -2.55 27.64
C ALA A 420 -28.61 -3.08 28.87
N GLU A 421 -29.78 -3.71 28.63
CA GLU A 421 -30.63 -4.28 29.66
C GLU A 421 -30.08 -5.64 30.17
N ARG A 422 -29.17 -6.30 29.39
CA ARG A 422 -28.62 -7.63 29.72
C ARG A 422 -27.25 -7.55 30.41
N VAL A 423 -26.40 -6.60 29.96
CA VAL A 423 -25.02 -6.39 30.46
C VAL A 423 -25.00 -5.80 31.89
N ASP A 424 -23.81 -5.79 32.52
CA ASP A 424 -23.65 -5.21 33.86
C ASP A 424 -23.09 -3.78 33.73
N GLU A 425 -23.87 -2.77 34.18
CA GLU A 425 -23.54 -1.35 34.08
C GLU A 425 -22.57 -0.89 35.21
N PRO A 426 -21.48 -0.11 34.90
CA PRO A 426 -21.09 0.45 33.57
C PRO A 426 -20.44 -0.62 32.67
N CYS A 427 -20.88 -0.71 31.41
CA CYS A 427 -20.34 -1.71 30.48
C CYS A 427 -19.51 -1.06 29.40
N LEU A 428 -18.31 -1.63 29.16
CA LEU A 428 -17.43 -1.12 28.14
C LEU A 428 -17.63 -1.89 26.84
N VAL A 429 -17.80 -1.16 25.74
CA VAL A 429 -17.83 -1.79 24.43
C VAL A 429 -16.45 -1.58 23.81
N PHE A 430 -15.67 -2.67 23.71
CA PHE A 430 -14.37 -2.56 23.06
C PHE A 430 -14.53 -2.92 21.60
N ASP A 431 -14.22 -1.94 20.74
CA ASP A 431 -14.35 -2.11 19.30
C ASP A 431 -13.00 -2.41 18.70
N GLY A 432 -12.76 -3.68 18.37
CA GLY A 432 -11.52 -4.10 17.76
C GLY A 432 -11.59 -4.23 16.25
N ARG A 433 -12.71 -4.79 15.74
CA ARG A 433 -12.89 -5.09 14.32
C ARG A 433 -14.29 -4.67 13.76
N MSE A 434 -15.09 -3.98 14.57
CA MSE A 434 -16.41 -3.50 14.16
C MSE A 434 -16.30 -2.26 13.28
O MSE A 434 -17.08 -2.11 12.34
CB MSE A 434 -17.26 -3.17 15.38
CG MSE A 434 -17.69 -4.36 16.12
SE MSE A 434 -19.05 -5.31 15.13
CE MSE A 434 -20.60 -4.42 16.06
N HIS A 435 -15.34 -1.36 13.61
CA HIS A 435 -15.07 -0.11 12.91
C HIS A 435 -16.34 0.75 12.85
N LEU A 436 -17.08 0.83 13.98
CA LEU A 436 -18.35 1.56 14.09
C LEU A 436 -18.18 3.04 13.77
N PRO A 437 -19.10 3.61 12.94
CA PRO A 437 -18.97 5.04 12.58
C PRO A 437 -19.34 5.96 13.77
N PRO A 438 -18.96 7.28 13.72
CA PRO A 438 -19.25 8.19 14.86
C PRO A 438 -20.71 8.24 15.30
N ALA A 439 -21.66 8.16 14.34
CA ALA A 439 -23.11 8.17 14.60
C ALA A 439 -23.56 6.95 15.42
N ARG A 440 -22.98 5.76 15.14
CA ARG A 440 -23.31 4.53 15.84
C ARG A 440 -22.77 4.55 17.28
N ILE A 441 -21.54 5.12 17.45
CA ILE A 441 -20.88 5.27 18.76
C ILE A 441 -21.75 6.17 19.70
N ARG A 442 -22.37 7.24 19.15
CA ARG A 442 -23.27 8.14 19.91
C ARG A 442 -24.48 7.38 20.42
N GLU A 443 -25.02 6.46 19.58
CA GLU A 443 -26.17 5.64 19.93
C GLU A 443 -25.84 4.72 21.10
N LEU A 444 -24.61 4.20 21.16
CA LEU A 444 -24.13 3.33 22.23
C LEU A 444 -24.09 4.08 23.55
N HIS A 445 -23.51 5.28 23.56
CA HIS A 445 -23.44 6.14 24.73
C HIS A 445 -24.85 6.44 25.27
N ARG A 446 -25.84 6.57 24.38
CA ARG A 446 -27.22 6.89 24.76
C ARG A 446 -27.93 5.68 25.37
N PHE A 447 -27.38 4.46 25.21
CA PHE A 447 -27.90 3.28 25.91
C PHE A 447 -27.16 3.07 27.27
N GLY A 448 -26.12 3.86 27.51
CA GLY A 448 -25.34 3.81 28.75
C GLY A 448 -24.02 3.08 28.61
N PHE A 449 -23.63 2.75 27.36
CA PHE A 449 -22.38 2.03 27.08
C PHE A 449 -21.20 2.95 27.05
N ALA A 450 -20.04 2.47 27.52
CA ALA A 450 -18.76 3.16 27.42
C ALA A 450 -18.12 2.64 26.17
N TYR A 451 -17.68 3.51 25.29
CA TYR A 451 -17.11 3.03 24.04
C TYR A 451 -15.63 3.33 23.98
N ARG A 452 -14.87 2.34 23.52
CA ARG A 452 -13.43 2.44 23.30
C ARG A 452 -12.99 1.50 22.16
N GLY A 453 -11.96 1.94 21.44
CA GLY A 453 -11.30 1.22 20.37
C GLY A 453 -9.88 1.74 20.28
N ILE A 454 -8.94 0.95 19.71
CA ILE A 454 -7.55 1.46 19.57
C ILE A 454 -7.51 2.51 18.44
N GLY A 455 -7.22 3.74 18.81
CA GLY A 455 -7.16 4.86 17.87
C GLY A 455 -8.52 5.35 17.45
N ARG A 456 -9.58 5.03 18.22
CA ARG A 456 -10.95 5.51 18.01
C ARG A 456 -11.31 6.59 19.05
N SER B 1 -22.47 38.51 14.14
CA SER B 1 -23.79 37.90 14.26
C SER B 1 -24.20 37.18 12.94
N ASN B 2 -23.22 36.90 12.06
CA ASN B 2 -23.42 36.26 10.76
C ASN B 2 -23.58 34.73 10.84
N ALA B 3 -24.25 34.14 9.82
CA ALA B 3 -24.44 32.69 9.65
C ALA B 3 -23.26 32.10 8.85
N MSE B 4 -22.53 32.97 8.07
CA MSE B 4 -21.30 32.67 7.29
C MSE B 4 -20.24 33.72 7.73
O MSE B 4 -20.08 34.73 7.07
CB MSE B 4 -21.54 32.72 5.77
CG MSE B 4 -22.97 32.42 5.33
SE MSE B 4 -23.42 30.53 5.40
CE MSE B 4 -23.02 30.06 3.52
N PRO B 5 -19.58 33.49 8.89
CA PRO B 5 -18.74 34.56 9.47
C PRO B 5 -17.38 34.89 8.82
N PHE B 6 -16.61 33.88 8.37
CA PHE B 6 -15.24 34.14 7.92
C PHE B 6 -15.04 34.16 6.40
N LEU B 7 -16.12 34.24 5.63
CA LEU B 7 -15.95 34.30 4.20
C LEU B 7 -17.08 35.07 3.49
N PRO B 8 -16.75 35.96 2.51
CA PRO B 8 -17.84 36.65 1.78
C PRO B 8 -18.69 35.67 0.90
N ASP B 9 -19.75 36.16 0.23
CA ASP B 9 -20.54 35.28 -0.65
C ASP B 9 -19.72 34.98 -1.95
N PRO B 10 -19.58 33.68 -2.35
CA PRO B 10 -18.77 33.36 -3.57
C PRO B 10 -19.26 34.01 -4.87
N GLY B 11 -20.51 34.47 -4.90
CA GLY B 11 -21.10 35.13 -6.05
C GLY B 11 -20.97 36.65 -6.01
N GLU B 12 -20.08 37.16 -5.12
CA GLU B 12 -19.84 38.61 -4.93
C GLU B 12 -19.14 39.21 -6.15
N PRO B 13 -19.54 40.44 -6.57
CA PRO B 13 -18.90 41.06 -7.75
C PRO B 13 -17.40 41.28 -7.54
N SER B 14 -17.02 41.77 -6.34
CA SER B 14 -15.63 42.06 -5.99
C SER B 14 -14.79 40.77 -5.86
N PRO B 15 -13.53 40.77 -6.38
CA PRO B 15 -12.72 39.53 -6.29
C PRO B 15 -12.32 39.18 -4.87
N LEU B 16 -12.13 37.88 -4.62
CA LEU B 16 -11.65 37.38 -3.35
C LEU B 16 -10.15 37.74 -3.22
N LYS B 17 -9.79 38.36 -2.10
CA LYS B 17 -8.42 38.79 -1.82
C LYS B 17 -7.71 37.76 -0.93
N VAL B 18 -6.67 37.11 -1.48
CA VAL B 18 -5.91 36.06 -0.81
C VAL B 18 -4.43 36.49 -0.65
N VAL B 19 -3.87 36.19 0.53
CA VAL B 19 -2.47 36.45 0.85
C VAL B 19 -1.80 35.10 1.17
N ILE B 20 -0.76 34.72 0.41
CA ILE B 20 -0.07 33.47 0.66
C ILE B 20 1.29 33.76 1.29
N ALA B 21 1.42 33.39 2.57
CA ALA B 21 2.66 33.54 3.34
C ALA B 21 3.57 32.35 3.06
N GLY B 22 4.62 32.58 2.25
CA GLY B 22 5.58 31.57 1.87
C GLY B 22 5.45 31.20 0.42
N ALA B 23 6.18 31.90 -0.47
CA ALA B 23 6.13 31.74 -1.92
C ALA B 23 7.14 30.69 -2.44
N GLY B 24 7.10 29.51 -1.85
CA GLY B 24 7.91 28.38 -2.31
C GLY B 24 7.22 27.67 -3.46
N TYR B 25 7.43 26.37 -3.60
CA TYR B 25 6.80 25.59 -4.67
C TYR B 25 5.29 25.47 -4.42
N VAL B 26 4.90 25.02 -3.21
CA VAL B 26 3.50 24.88 -2.77
C VAL B 26 2.80 26.24 -2.84
N GLY B 27 3.48 27.28 -2.35
CA GLY B 27 2.96 28.64 -2.33
C GLY B 27 2.61 29.18 -3.70
N THR B 28 3.54 29.04 -4.66
CA THR B 28 3.38 29.55 -6.03
C THR B 28 2.31 28.76 -6.80
N CYS B 29 2.30 27.41 -6.67
CA CYS B 29 1.31 26.56 -7.34
C CYS B 29 -0.11 26.95 -6.91
N LEU B 30 -0.31 27.21 -5.62
CA LEU B 30 -1.59 27.61 -5.06
C LEU B 30 -1.95 29.02 -5.52
N ALA B 31 -0.96 29.93 -5.52
CA ALA B 31 -1.14 31.34 -5.95
C ALA B 31 -1.64 31.43 -7.39
N VAL B 32 -0.98 30.73 -8.32
CA VAL B 32 -1.33 30.74 -9.74
C VAL B 32 -2.73 30.09 -9.96
N THR B 33 -3.03 28.99 -9.24
CA THR B 33 -4.32 28.31 -9.34
C THR B 33 -5.45 29.21 -8.83
N LEU B 34 -5.25 29.88 -7.68
CA LEU B 34 -6.25 30.78 -7.10
C LEU B 34 -6.46 32.00 -8.01
N ALA B 35 -5.35 32.65 -8.46
CA ALA B 35 -5.39 33.82 -9.35
C ALA B 35 -6.03 33.49 -10.69
N GLY B 36 -5.72 32.31 -11.22
CA GLY B 36 -6.28 31.82 -12.49
C GLY B 36 -7.79 31.69 -12.47
N ARG B 37 -8.38 31.46 -11.29
CA ARG B 37 -9.83 31.32 -11.12
C ARG B 37 -10.50 32.67 -10.73
N GLY B 38 -9.72 33.76 -10.75
CA GLY B 38 -10.25 35.10 -10.53
C GLY B 38 -9.92 35.78 -9.21
N ALA B 39 -9.18 35.12 -8.32
CA ALA B 39 -8.82 35.72 -7.05
C ALA B 39 -7.64 36.67 -7.21
N GLU B 40 -7.58 37.70 -6.35
CA GLU B 40 -6.46 38.63 -6.29
C GLU B 40 -5.51 38.09 -5.22
N VAL B 41 -4.33 37.64 -5.65
CA VAL B 41 -3.40 36.96 -4.74
C VAL B 41 -2.10 37.76 -4.57
N VAL B 42 -1.67 37.91 -3.31
CA VAL B 42 -0.38 38.49 -2.99
C VAL B 42 0.48 37.40 -2.35
N ALA B 43 1.61 37.08 -2.98
CA ALA B 43 2.55 36.09 -2.45
C ALA B 43 3.59 36.81 -1.58
N VAL B 44 3.65 36.47 -0.29
CA VAL B 44 4.58 37.13 0.63
C VAL B 44 5.71 36.17 0.98
N ASP B 45 6.94 36.54 0.63
CA ASP B 45 8.11 35.73 0.94
C ASP B 45 9.22 36.63 1.50
N SER B 46 10.00 36.14 2.50
CA SER B 46 11.09 36.91 3.13
C SER B 46 12.28 37.11 2.17
N ASP B 47 12.44 36.22 1.18
CA ASP B 47 13.51 36.32 0.20
C ASP B 47 13.18 37.41 -0.83
N PRO B 48 14.04 38.45 -0.94
CA PRO B 48 13.79 39.55 -1.90
C PRO B 48 13.88 39.10 -3.37
N GLY B 49 14.67 38.05 -3.62
CA GLY B 49 14.85 37.48 -4.95
C GLY B 49 13.58 36.86 -5.50
N THR B 50 12.91 36.02 -4.68
CA THR B 50 11.66 35.36 -5.04
C THR B 50 10.55 36.40 -5.33
N VAL B 51 10.48 37.46 -4.49
CA VAL B 51 9.49 38.54 -4.59
C VAL B 51 9.67 39.35 -5.89
N ALA B 52 10.92 39.75 -6.21
CA ALA B 52 11.27 40.49 -7.42
C ALA B 52 10.94 39.69 -8.69
N ASP B 53 11.14 38.35 -8.67
CA ASP B 53 10.84 37.46 -9.79
C ASP B 53 9.34 37.39 -10.09
N LEU B 54 8.51 37.10 -9.06
CA LEU B 54 7.05 37.00 -9.20
C LEU B 54 6.44 38.33 -9.71
N ARG B 55 7.08 39.47 -9.42
CA ARG B 55 6.67 40.78 -9.91
C ARG B 55 7.54 41.22 -11.09
N GLU B 63 8.45 23.26 -12.39
CA GLU B 63 7.10 22.71 -12.48
C GLU B 63 6.46 23.03 -13.85
N PRO B 64 6.06 21.99 -14.63
CA PRO B 64 5.43 22.25 -15.94
C PRO B 64 4.19 23.14 -15.86
N GLY B 65 4.21 24.23 -16.62
CA GLY B 65 3.12 25.18 -16.70
C GLY B 65 3.16 26.32 -15.69
N LEU B 66 4.06 26.22 -14.66
CA LEU B 66 4.14 27.22 -13.59
C LEU B 66 4.75 28.55 -14.04
N ALA B 67 5.93 28.53 -14.73
CA ALA B 67 6.59 29.75 -15.23
C ALA B 67 5.75 30.42 -16.35
N GLY B 68 5.02 29.58 -17.11
CA GLY B 68 4.13 30.02 -18.16
C GLY B 68 2.71 30.26 -17.67
N ALA B 69 2.58 30.73 -16.41
CA ALA B 69 1.31 31.05 -15.75
C ALA B 69 1.52 32.15 -14.72
N VAL B 70 2.71 32.20 -14.06
CA VAL B 70 3.09 33.27 -13.12
C VAL B 70 3.17 34.59 -13.91
N ARG B 71 3.79 34.52 -15.11
CA ARG B 71 4.00 35.63 -16.04
C ARG B 71 2.65 36.20 -16.52
N ASP B 72 1.75 35.31 -17.03
CA ASP B 72 0.42 35.71 -17.52
C ASP B 72 -0.43 36.35 -16.42
N LEU B 73 -0.46 35.76 -15.22
CA LEU B 73 -1.26 36.27 -14.10
C LEU B 73 -0.66 37.54 -13.47
N ALA B 74 0.68 37.71 -13.51
CA ALA B 74 1.31 38.93 -13.03
C ALA B 74 0.93 40.11 -13.96
N ALA B 75 0.68 39.81 -15.25
CA ALA B 75 0.27 40.78 -16.26
C ALA B 75 -1.22 41.16 -16.10
N THR B 76 -2.06 40.26 -15.53
CA THR B 76 -3.49 40.55 -15.30
C THR B 76 -3.66 41.41 -14.04
N GLY B 77 -2.61 41.44 -13.22
CA GLY B 77 -2.58 42.20 -11.96
C GLY B 77 -3.16 41.45 -10.79
N ARG B 78 -3.69 40.22 -11.04
CA ARG B 78 -4.28 39.41 -9.99
C ARG B 78 -3.21 38.72 -9.15
N LEU B 79 -2.00 38.51 -9.72
CA LEU B 79 -0.92 37.85 -9.00
C LEU B 79 0.25 38.82 -8.75
N THR B 80 0.40 39.26 -7.49
CA THR B 80 1.48 40.18 -7.08
C THR B 80 2.27 39.56 -5.93
N ALA B 81 3.44 40.14 -5.61
CA ALA B 81 4.31 39.67 -4.54
C ALA B 81 4.84 40.81 -3.68
N SER B 82 5.18 40.51 -2.41
CA SER B 82 5.68 41.50 -1.45
C SER B 82 6.63 40.84 -0.43
N THR B 83 7.61 41.61 0.11
CA THR B 83 8.47 41.13 1.18
C THR B 83 7.81 41.46 2.53
N SER B 84 6.84 42.41 2.48
CA SER B 84 6.05 42.88 3.62
C SER B 84 4.75 42.10 3.81
N TYR B 85 4.29 42.02 5.07
CA TYR B 85 3.04 41.36 5.44
C TYR B 85 1.89 42.37 5.50
N ASP B 86 2.16 43.64 5.13
CA ASP B 86 1.13 44.70 5.13
C ASP B 86 -0.15 44.35 4.32
N PRO B 87 -0.08 43.61 3.16
CA PRO B 87 -1.32 43.28 2.43
C PRO B 87 -2.27 42.30 3.17
N VAL B 88 -1.83 41.76 4.35
CA VAL B 88 -2.66 40.86 5.18
C VAL B 88 -3.94 41.60 5.64
N GLY B 89 -3.81 42.88 6.00
CA GLY B 89 -4.91 43.72 6.45
C GLY B 89 -6.08 43.87 5.48
N ALA B 90 -5.80 43.86 4.18
CA ALA B 90 -6.84 44.00 3.15
C ALA B 90 -7.39 42.62 2.72
N ALA B 91 -6.69 41.54 3.12
CA ALA B 91 -7.02 40.15 2.75
C ALA B 91 -8.32 39.64 3.37
N ASP B 92 -8.92 38.64 2.68
CA ASP B 92 -10.10 37.90 3.10
C ASP B 92 -9.62 36.60 3.72
N VAL B 93 -8.60 35.96 3.07
CA VAL B 93 -8.04 34.67 3.42
C VAL B 93 -6.51 34.74 3.43
N VAL B 94 -5.89 34.20 4.50
CA VAL B 94 -4.44 34.15 4.66
C VAL B 94 -4.05 32.68 4.71
N ILE B 95 -3.22 32.21 3.72
CA ILE B 95 -2.76 30.82 3.65
C ILE B 95 -1.25 30.75 3.96
N VAL B 96 -0.90 30.04 5.06
CA VAL B 96 0.49 29.90 5.50
C VAL B 96 1.10 28.62 4.95
N THR B 97 2.10 28.76 4.05
CA THR B 97 2.80 27.64 3.41
C THR B 97 4.32 27.74 3.60
N VAL B 98 4.77 28.41 4.68
CA VAL B 98 6.20 28.60 4.96
C VAL B 98 6.84 27.26 5.36
N GLY B 99 8.18 27.18 5.27
CA GLY B 99 8.96 26.00 5.60
C GLY B 99 8.90 25.57 7.05
N THR B 100 8.87 24.26 7.28
CA THR B 100 8.85 23.65 8.62
C THR B 100 9.91 22.52 8.65
N PRO B 101 11.22 22.85 8.51
CA PRO B 101 12.24 21.78 8.50
C PRO B 101 12.43 21.14 9.87
N THR B 102 12.99 19.93 9.91
CA THR B 102 13.26 19.26 11.18
C THR B 102 14.75 19.32 11.47
N ASP B 103 15.15 19.13 12.73
CA ASP B 103 16.57 19.10 13.08
C ASP B 103 17.10 17.64 12.93
N ALA B 104 18.31 17.36 13.44
CA ALA B 104 18.92 16.01 13.39
C ALA B 104 18.12 15.01 14.25
N GLY B 105 17.45 15.52 15.27
CA GLY B 105 16.62 14.73 16.17
C GLY B 105 15.18 14.61 15.72
N HIS B 106 14.88 15.03 14.45
CA HIS B 106 13.57 14.98 13.76
C HIS B 106 12.50 15.84 14.45
N GLU B 107 12.95 16.81 15.27
CA GLU B 107 12.08 17.79 15.91
C GLU B 107 11.92 18.97 14.97
N MSE B 108 10.68 19.41 14.79
CA MSE B 108 10.32 20.51 13.89
C MSE B 108 11.00 21.82 14.31
O MSE B 108 11.04 22.12 15.50
CB MSE B 108 8.79 20.65 13.94
CG MSE B 108 8.23 21.81 13.14
SE MSE B 108 6.30 21.88 13.37
CE MSE B 108 6.15 21.99 15.32
N VAL B 109 11.58 22.55 13.32
CA VAL B 109 12.22 23.86 13.53
C VAL B 109 11.15 24.90 13.21
N THR B 110 10.59 25.51 14.26
CA THR B 110 9.46 26.42 14.17
C THR B 110 9.83 27.87 13.77
N ASP B 111 11.13 28.18 13.65
CA ASP B 111 11.65 29.52 13.34
C ASP B 111 10.92 30.25 12.20
N GLN B 112 10.73 29.61 11.03
CA GLN B 112 10.06 30.26 9.90
C GLN B 112 8.57 30.46 10.19
N LEU B 113 7.91 29.44 10.77
CA LEU B 113 6.50 29.48 11.10
C LEU B 113 6.21 30.57 12.14
N VAL B 114 7.01 30.61 13.21
CA VAL B 114 6.90 31.59 14.29
C VAL B 114 7.08 33.00 13.72
N ALA B 115 8.09 33.21 12.87
CA ALA B 115 8.35 34.52 12.24
C ALA B 115 7.17 34.95 11.38
N ALA B 116 6.61 34.03 10.56
CA ALA B 116 5.44 34.30 9.69
C ALA B 116 4.21 34.68 10.52
N CYS B 117 3.93 33.92 11.60
CA CYS B 117 2.77 34.16 12.47
C CYS B 117 2.90 35.45 13.26
N GLU B 118 4.13 35.77 13.74
CA GLU B 118 4.40 37.02 14.48
C GLU B 118 4.20 38.25 13.60
N GLN B 119 4.40 38.11 12.28
CA GLN B 119 4.20 39.18 11.32
C GLN B 119 2.72 39.33 10.95
N ILE B 120 2.00 38.20 10.79
CA ILE B 120 0.57 38.16 10.44
C ILE B 120 -0.31 38.69 11.60
N ALA B 121 -0.05 38.19 12.84
CA ALA B 121 -0.83 38.47 14.05
C ALA B 121 -1.30 39.94 14.21
N PRO B 122 -0.41 40.98 14.20
CA PRO B 122 -0.91 42.35 14.41
C PRO B 122 -1.74 42.91 13.25
N ARG B 123 -1.58 42.32 12.04
CA ARG B 123 -2.29 42.73 10.83
C ARG B 123 -3.66 41.99 10.69
N LEU B 124 -3.89 40.90 11.46
CA LEU B 124 -5.14 40.16 11.41
C LEU B 124 -6.33 41.04 11.77
N ARG B 125 -7.43 40.90 11.02
CA ARG B 125 -8.68 41.61 11.24
C ARG B 125 -9.82 40.62 11.44
N ALA B 126 -10.83 40.98 12.24
CA ALA B 126 -12.00 40.12 12.50
C ALA B 126 -12.74 39.80 11.19
N GLY B 127 -13.16 38.56 11.04
CA GLY B 127 -13.88 38.11 9.85
C GLY B 127 -12.99 37.42 8.84
N GLN B 128 -11.68 37.51 9.03
CA GLN B 128 -10.73 36.86 8.13
C GLN B 128 -10.69 35.34 8.39
N LEU B 129 -10.17 34.60 7.40
CA LEU B 129 -9.97 33.16 7.47
C LEU B 129 -8.47 32.89 7.32
N VAL B 130 -7.90 32.08 8.22
CA VAL B 130 -6.48 31.70 8.19
C VAL B 130 -6.39 30.19 8.01
N ILE B 131 -5.65 29.77 6.97
CA ILE B 131 -5.42 28.36 6.69
C ILE B 131 -3.93 28.06 6.83
N LEU B 132 -3.57 27.08 7.68
CA LEU B 132 -2.20 26.62 7.77
C LEU B 132 -2.08 25.42 6.85
N LYS B 133 -1.05 25.41 6.00
CA LYS B 133 -0.85 24.35 5.01
C LYS B 133 0.51 23.61 5.22
N SER B 134 1.46 24.24 5.94
CA SER B 134 2.79 23.67 6.21
C SER B 134 2.69 22.37 6.98
N THR B 135 3.52 21.37 6.60
CA THR B 135 3.58 20.07 7.27
C THR B 135 4.13 20.26 8.69
N VAL B 136 3.27 20.11 9.68
CA VAL B 136 3.62 20.33 11.07
C VAL B 136 3.35 19.08 11.89
N SER B 137 3.88 19.04 13.13
CA SER B 137 3.59 17.91 14.04
C SER B 137 2.17 18.11 14.60
N PRO B 138 1.38 17.04 14.82
CA PRO B 138 -0.02 17.21 15.27
C PRO B 138 -0.17 18.06 16.54
N GLY B 139 -1.08 19.05 16.47
CA GLY B 139 -1.36 19.98 17.56
C GLY B 139 -0.80 21.37 17.36
N THR B 140 0.01 21.56 16.30
CA THR B 140 0.69 22.84 15.99
C THR B 140 -0.31 23.95 15.66
N THR B 141 -1.33 23.65 14.81
CA THR B 141 -2.34 24.66 14.40
C THR B 141 -3.04 25.27 15.64
N ARG B 142 -3.47 24.40 16.56
CA ARG B 142 -4.23 24.78 17.73
C ARG B 142 -3.36 25.24 18.93
N THR B 143 -2.19 24.61 19.19
CA THR B 143 -1.40 24.94 20.39
C THR B 143 -0.20 25.87 20.15
N LEU B 144 0.25 26.05 18.90
CA LEU B 144 1.41 26.92 18.63
C LEU B 144 0.97 28.13 17.78
N VAL B 145 0.35 27.86 16.63
CA VAL B 145 -0.04 28.85 15.64
C VAL B 145 -1.14 29.74 16.17
N ALA B 146 -2.25 29.14 16.68
CA ALA B 146 -3.38 29.90 17.25
C ALA B 146 -2.93 30.92 18.33
N PRO B 147 -2.17 30.54 19.41
CA PRO B 147 -1.76 31.55 20.40
C PRO B 147 -0.91 32.68 19.78
N LEU B 148 -0.06 32.37 18.79
CA LEU B 148 0.78 33.38 18.11
C LEU B 148 -0.07 34.38 17.33
N LEU B 149 -1.14 33.90 16.66
CA LEU B 149 -2.05 34.78 15.92
C LEU B 149 -2.99 35.53 16.85
N GLU B 150 -3.10 35.07 18.12
CA GLU B 150 -3.98 35.70 19.11
C GLU B 150 -3.27 36.77 19.97
N SER B 151 -1.96 37.00 19.72
CA SER B 151 -1.18 38.01 20.45
C SER B 151 -1.71 39.43 20.18
N GLY B 152 -2.23 39.64 18.97
CA GLY B 152 -2.79 40.92 18.54
C GLY B 152 -4.19 41.22 19.04
N GLY B 153 -4.68 40.44 20.02
CA GLY B 153 -5.98 40.64 20.66
C GLY B 153 -7.16 39.83 20.17
N LEU B 154 -7.08 39.27 18.96
CA LEU B 154 -8.20 38.49 18.42
C LEU B 154 -8.22 37.08 19.01
N VAL B 155 -9.37 36.37 18.87
CA VAL B 155 -9.53 34.99 19.34
C VAL B 155 -9.98 34.12 18.14
N HIS B 156 -9.24 33.01 17.84
CA HIS B 156 -9.55 32.09 16.75
C HIS B 156 -10.95 31.54 16.87
N GLU B 157 -11.56 31.11 15.74
CA GLU B 157 -12.90 30.50 15.72
C GLU B 157 -13.99 31.54 16.07
N ARG B 158 -13.71 32.43 17.03
CA ARG B 158 -14.67 33.46 17.35
C ARG B 158 -14.53 34.65 16.38
N ASP B 159 -13.31 35.21 16.24
CA ASP B 159 -13.04 36.42 15.47
C ASP B 159 -12.48 36.15 14.08
N PHE B 160 -11.68 35.10 13.95
CA PHE B 160 -11.12 34.67 12.68
C PHE B 160 -11.15 33.16 12.61
N GLY B 161 -11.37 32.63 11.40
CA GLY B 161 -11.37 31.19 11.18
C GLY B 161 -9.96 30.63 11.05
N LEU B 162 -9.69 29.54 11.75
CA LEU B 162 -8.39 28.89 11.69
C LEU B 162 -8.57 27.43 11.38
N ALA B 163 -7.98 26.99 10.27
CA ALA B 163 -8.07 25.62 9.85
C ALA B 163 -6.74 25.12 9.31
N PHE B 164 -6.48 23.82 9.47
CA PHE B 164 -5.34 23.17 8.88
C PHE B 164 -5.82 22.42 7.66
N CYS B 165 -5.07 22.53 6.58
CA CYS B 165 -5.39 21.90 5.32
C CYS B 165 -4.10 21.29 4.72
N PRO B 166 -3.92 19.94 4.75
CA PRO B 166 -2.68 19.36 4.21
C PRO B 166 -2.45 19.61 2.72
N GLU B 167 -1.19 19.82 2.35
CA GLU B 167 -0.78 19.96 0.96
C GLU B 167 -0.59 18.56 0.40
N ARG B 168 -1.29 18.23 -0.71
CA ARG B 168 -1.15 16.89 -1.30
C ARG B 168 -0.76 16.99 -2.80
N LEU B 169 0.06 18.01 -3.13
CA LEU B 169 0.56 18.26 -4.48
C LEU B 169 1.55 17.20 -4.96
N ALA B 170 1.35 16.71 -6.20
CA ALA B 170 2.24 15.74 -6.83
C ALA B 170 3.23 16.49 -7.75
N GLU B 171 4.52 16.58 -7.33
CA GLU B 171 5.56 17.31 -8.07
C GLU B 171 5.73 16.74 -9.48
N GLY B 172 5.53 17.60 -10.48
CA GLY B 172 5.59 17.23 -11.88
C GLY B 172 4.27 17.39 -12.60
N VAL B 173 3.14 17.03 -11.92
CA VAL B 173 1.78 17.13 -12.45
C VAL B 173 0.87 17.99 -11.47
N ALA B 174 1.52 18.89 -10.69
CA ALA B 174 0.90 19.74 -9.65
C ALA B 174 -0.27 20.59 -10.15
N LEU B 175 -0.09 21.33 -11.25
CA LEU B 175 -1.12 22.23 -11.80
C LEU B 175 -2.30 21.48 -12.42
N ALA B 176 -2.08 20.26 -12.91
CA ALA B 176 -3.18 19.47 -13.46
C ALA B 176 -4.00 18.84 -12.31
N GLN B 177 -3.30 18.20 -11.36
CA GLN B 177 -3.85 17.50 -10.20
C GLN B 177 -4.53 18.46 -9.17
N VAL B 178 -3.93 19.67 -8.92
CA VAL B 178 -4.39 20.65 -7.91
C VAL B 178 -5.92 20.95 -7.98
N ARG B 179 -6.49 21.10 -9.20
CA ARG B 179 -7.88 21.52 -9.42
C ARG B 179 -8.93 20.36 -9.51
N THR B 180 -8.51 19.10 -9.31
CA THR B 180 -9.44 17.97 -9.35
C THR B 180 -9.41 17.17 -8.05
N LEU B 181 -8.32 17.30 -7.27
CA LEU B 181 -8.08 16.56 -6.03
C LEU B 181 -8.88 17.13 -4.82
N PRO B 182 -9.56 16.27 -4.00
CA PRO B 182 -10.30 16.83 -2.85
C PRO B 182 -9.37 17.35 -1.75
N VAL B 183 -9.73 18.50 -1.15
CA VAL B 183 -8.96 19.13 -0.10
C VAL B 183 -9.41 18.60 1.25
N VAL B 184 -8.46 18.12 2.06
CA VAL B 184 -8.77 17.67 3.41
C VAL B 184 -8.77 18.92 4.30
N VAL B 185 -9.89 19.14 5.03
CA VAL B 185 -10.06 20.33 5.89
C VAL B 185 -10.26 19.90 7.33
N GLY B 186 -9.38 20.39 8.20
CA GLY B 186 -9.45 20.23 9.65
C GLY B 186 -9.55 21.59 10.33
N GLY B 187 -10.77 21.97 10.67
CA GLY B 187 -11.03 23.27 11.31
C GLY B 187 -10.82 23.26 12.80
N CYS B 188 -10.43 24.41 13.37
CA CYS B 188 -10.27 24.50 14.82
C CYS B 188 -11.63 24.77 15.50
N GLY B 189 -12.71 24.56 14.76
CA GLY B 189 -14.07 24.75 15.22
C GLY B 189 -15.10 24.67 14.11
N PRO B 190 -16.41 24.62 14.43
CA PRO B 190 -17.43 24.50 13.36
C PRO B 190 -17.48 25.72 12.43
N ARG B 191 -17.20 26.92 12.93
CA ARG B 191 -17.22 28.14 12.13
C ARG B 191 -16.03 28.15 11.14
N SER B 192 -14.82 27.80 11.65
CA SER B 192 -13.58 27.73 10.87
C SER B 192 -13.63 26.62 9.79
N ALA B 193 -14.24 25.47 10.12
CA ALA B 193 -14.41 24.32 9.23
C ALA B 193 -15.35 24.63 8.06
N ALA B 194 -16.47 25.32 8.34
CA ALA B 194 -17.46 25.70 7.34
C ALA B 194 -16.87 26.73 6.35
N ALA B 195 -16.14 27.74 6.87
CA ALA B 195 -15.49 28.80 6.06
C ALA B 195 -14.40 28.24 5.16
N ALA B 196 -13.60 27.28 5.67
CA ALA B 196 -12.49 26.65 4.92
C ALA B 196 -13.03 25.83 3.74
N GLU B 197 -14.07 25.01 3.97
CA GLU B 197 -14.75 24.23 2.93
C GLU B 197 -15.34 25.16 1.86
N ARG B 198 -16.09 26.18 2.28
CA ARG B 198 -16.71 27.17 1.39
C ARG B 198 -15.64 27.84 0.53
N PHE B 199 -14.45 28.13 1.12
CA PHE B 199 -13.33 28.75 0.43
C PHE B 199 -12.79 27.86 -0.68
N TRP B 200 -12.34 26.64 -0.34
CA TRP B 200 -11.78 25.72 -1.33
C TRP B 200 -12.78 25.39 -2.43
N ARG B 201 -14.04 25.17 -2.10
CA ARG B 201 -15.07 24.84 -3.09
C ARG B 201 -15.29 25.98 -4.09
N SER B 202 -15.36 27.22 -3.61
CA SER B 202 -15.59 28.35 -4.51
C SER B 202 -14.29 28.85 -5.15
N ALA B 203 -13.21 28.98 -4.38
CA ALA B 203 -11.96 29.52 -4.91
C ALA B 203 -11.18 28.55 -5.78
N LEU B 204 -11.31 27.22 -5.52
CA LEU B 204 -10.57 26.18 -6.26
C LEU B 204 -11.45 25.28 -7.13
N GLY B 205 -12.73 25.15 -6.80
CA GLY B 205 -13.65 24.32 -7.57
C GLY B 205 -13.41 22.86 -7.35
N VAL B 206 -12.95 22.49 -6.13
CA VAL B 206 -12.65 21.12 -5.75
C VAL B 206 -13.61 20.65 -4.66
N ASP B 207 -13.70 19.33 -4.48
CA ASP B 207 -14.48 18.77 -3.39
C ASP B 207 -13.67 18.87 -2.08
N VAL B 208 -14.36 18.78 -0.95
CA VAL B 208 -13.70 18.90 0.35
C VAL B 208 -14.00 17.66 1.21
N ARG B 209 -12.97 17.16 1.89
CA ARG B 209 -13.09 16.05 2.81
C ARG B 209 -12.87 16.58 4.25
N GLN B 210 -13.94 16.70 5.04
CA GLN B 210 -13.83 17.24 6.40
C GLN B 210 -13.35 16.20 7.41
N VAL B 211 -12.50 16.63 8.34
CA VAL B 211 -12.03 15.81 9.47
C VAL B 211 -12.37 16.58 10.77
N PRO B 212 -12.65 15.88 11.91
CA PRO B 212 -13.20 16.58 13.09
C PRO B 212 -12.33 17.64 13.76
N SER B 213 -11.04 17.70 13.41
CA SER B 213 -10.12 18.66 14.04
C SER B 213 -8.95 18.97 13.15
N ALA B 214 -8.24 20.06 13.47
CA ALA B 214 -6.99 20.43 12.81
C ALA B 214 -5.95 19.32 13.02
N GLU B 215 -5.91 18.71 14.25
CA GLU B 215 -5.00 17.61 14.61
C GLU B 215 -5.18 16.42 13.68
N SER B 216 -6.44 16.05 13.45
CA SER B 216 -6.81 14.97 12.56
C SER B 216 -6.26 15.24 11.12
N ALA B 217 -6.40 16.50 10.62
CA ALA B 217 -5.90 16.90 9.30
C ALA B 217 -4.36 16.89 9.25
N GLU B 218 -3.70 17.22 10.38
CA GLU B 218 -2.22 17.18 10.53
C GLU B 218 -1.73 15.73 10.47
N VAL B 219 -2.51 14.77 11.04
CA VAL B 219 -2.16 13.35 11.02
C VAL B 219 -2.32 12.80 9.60
N VAL B 220 -3.37 13.22 8.87
CA VAL B 220 -3.62 12.77 7.48
C VAL B 220 -2.33 12.94 6.64
N LYS B 221 -1.68 14.14 6.71
CA LYS B 221 -0.45 14.43 5.96
C LYS B 221 0.69 13.49 6.34
N LEU B 222 0.98 13.34 7.65
CA LEU B 222 2.06 12.48 8.13
C LEU B 222 1.77 10.98 7.85
N ALA B 223 0.50 10.54 8.00
CA ALA B 223 0.08 9.17 7.70
C ALA B 223 0.26 8.84 6.21
N THR B 224 0.00 9.84 5.32
CA THR B 224 0.12 9.68 3.87
C THR B 224 1.58 9.46 3.51
N ASN B 225 2.48 10.33 3.96
CA ASN B 225 3.91 10.24 3.64
C ASN B 225 4.57 9.01 4.26
N TRP B 226 4.07 8.56 5.44
CA TRP B 226 4.49 7.34 6.14
C TRP B 226 4.09 6.14 5.30
N TRP B 227 2.83 6.13 4.79
CA TRP B 227 2.30 5.08 3.91
C TRP B 227 3.13 4.99 2.60
N ILE B 228 3.36 6.13 1.94
CA ILE B 228 4.14 6.19 0.69
C ILE B 228 5.57 5.70 0.92
N ASP B 229 6.31 6.31 1.86
CA ASP B 229 7.69 5.95 2.15
C ASP B 229 7.83 4.45 2.49
N ALA B 230 6.93 3.92 3.34
CA ALA B 230 6.95 2.52 3.73
C ALA B 230 6.55 1.56 2.59
N ASN B 231 5.70 2.02 1.65
CA ASN B 231 5.33 1.19 0.49
C ASN B 231 6.45 1.18 -0.56
N VAL B 232 7.21 2.30 -0.66
CA VAL B 232 8.38 2.37 -1.55
C VAL B 232 9.45 1.39 -1.01
N ALA B 233 9.54 1.26 0.34
CA ALA B 233 10.46 0.32 0.97
C ALA B 233 10.07 -1.13 0.66
N ILE B 234 8.77 -1.48 0.70
CA ILE B 234 8.29 -2.81 0.33
C ILE B 234 8.71 -3.09 -1.13
N ALA B 235 8.42 -2.11 -2.00
CA ALA B 235 8.70 -2.14 -3.45
C ALA B 235 10.21 -2.27 -3.76
N ASN B 236 11.10 -1.59 -3.01
CA ASN B 236 12.57 -1.68 -3.26
C ASN B 236 13.09 -3.04 -2.87
N GLU B 237 12.65 -3.55 -1.71
CA GLU B 237 13.01 -4.91 -1.28
C GLU B 237 12.47 -5.93 -2.25
N LEU B 238 11.22 -5.74 -2.75
CA LEU B 238 10.65 -6.64 -3.74
C LEU B 238 11.52 -6.64 -5.03
N ALA B 239 12.06 -5.46 -5.40
CA ALA B 239 12.94 -5.35 -6.57
C ALA B 239 14.24 -6.12 -6.36
N ARG B 240 14.87 -5.97 -5.17
CA ARG B 240 16.12 -6.66 -4.78
C ARG B 240 15.91 -8.17 -4.73
N TYR B 241 14.71 -8.61 -4.39
CA TYR B 241 14.30 -10.01 -4.35
C TYR B 241 14.07 -10.56 -5.77
N CYS B 242 13.38 -9.79 -6.64
CA CYS B 242 13.13 -10.16 -8.04
C CYS B 242 14.44 -10.27 -8.80
N ALA B 243 15.42 -9.40 -8.45
CA ALA B 243 16.74 -9.37 -9.05
C ALA B 243 17.47 -10.72 -8.89
N VAL B 244 17.46 -11.31 -7.68
CA VAL B 244 18.12 -12.62 -7.45
C VAL B 244 17.32 -13.80 -8.09
N LEU B 245 16.07 -13.56 -8.52
CA LEU B 245 15.23 -14.58 -9.14
C LEU B 245 15.24 -14.48 -10.68
N GLY B 246 15.69 -13.35 -11.22
CA GLY B 246 15.71 -13.09 -12.66
C GLY B 246 14.32 -12.79 -13.20
N VAL B 247 13.49 -12.17 -12.34
CA VAL B 247 12.11 -11.79 -12.59
C VAL B 247 12.05 -10.24 -12.71
N ASP B 248 11.23 -9.70 -13.65
CA ASP B 248 11.02 -8.25 -13.76
C ASP B 248 9.97 -7.83 -12.72
N VAL B 249 10.36 -6.96 -11.77
CA VAL B 249 9.53 -6.46 -10.66
C VAL B 249 8.29 -5.69 -11.19
N LEU B 250 8.40 -4.94 -12.30
CA LEU B 250 7.26 -4.16 -12.84
C LEU B 250 6.15 -5.07 -13.36
N ASP B 251 6.48 -6.25 -13.92
CA ASP B 251 5.45 -7.21 -14.36
C ASP B 251 4.72 -7.79 -13.13
N VAL B 252 5.48 -8.01 -12.04
CA VAL B 252 4.99 -8.53 -10.77
C VAL B 252 4.07 -7.51 -10.11
N ILE B 253 4.51 -6.24 -10.00
CA ILE B 253 3.72 -5.16 -9.41
C ILE B 253 2.43 -4.96 -10.23
N GLY B 254 2.54 -4.92 -11.55
CA GLY B 254 1.42 -4.77 -12.45
C GLY B 254 0.35 -5.83 -12.26
N ALA B 255 0.78 -7.11 -12.15
CA ALA B 255 -0.11 -8.26 -11.97
C ALA B 255 -0.71 -8.28 -10.56
N ALA B 256 0.10 -7.97 -9.53
CA ALA B 256 -0.36 -7.96 -8.14
C ALA B 256 -1.44 -6.89 -7.90
N ASN B 257 -1.30 -5.73 -8.56
CA ASN B 257 -2.19 -4.59 -8.38
C ASN B 257 -3.56 -4.75 -9.09
N THR B 258 -3.79 -5.89 -9.75
CA THR B 258 -5.10 -6.20 -10.37
C THR B 258 -6.08 -6.79 -9.32
N LEU B 259 -5.61 -6.95 -8.05
CA LEU B 259 -6.46 -7.48 -6.99
C LEU B 259 -7.10 -6.35 -6.13
N PRO B 260 -8.47 -6.29 -6.10
CA PRO B 260 -9.13 -5.31 -5.21
C PRO B 260 -8.86 -5.67 -3.75
N LYS B 261 -8.57 -4.65 -2.93
CA LYS B 261 -8.25 -4.85 -1.51
C LYS B 261 -8.47 -3.53 -0.80
N GLY B 262 -8.91 -3.59 0.45
CA GLY B 262 -9.16 -2.40 1.26
C GLY B 262 -10.13 -1.45 0.60
N SER B 263 -9.77 -0.13 0.57
CA SER B 263 -10.62 0.90 -0.03
C SER B 263 -10.56 0.90 -1.56
N SER B 264 -9.49 0.33 -2.15
CA SER B 264 -9.38 0.29 -3.62
C SER B 264 -8.71 -1.02 -4.09
N MSE B 265 -7.41 -0.96 -4.45
CA MSE B 265 -6.64 -2.09 -4.97
C MSE B 265 -5.39 -2.36 -4.15
O MSE B 265 -4.89 -1.44 -3.47
CB MSE B 265 -6.20 -1.81 -6.43
CG MSE B 265 -7.32 -1.35 -7.35
SE MSE B 265 -8.55 -2.79 -7.86
CE MSE B 265 -7.55 -3.52 -9.40
N VAL B 266 -4.80 -3.57 -4.32
CA VAL B 266 -3.47 -3.87 -3.82
C VAL B 266 -2.62 -2.82 -4.55
N ASN B 267 -1.89 -1.98 -3.82
CA ASN B 267 -1.15 -0.91 -4.47
C ASN B 267 0.28 -0.94 -4.10
N LEU B 268 1.01 -1.82 -4.77
CA LEU B 268 2.45 -1.91 -4.68
C LEU B 268 3.03 -0.75 -5.44
N LEU B 269 3.77 0.12 -4.75
CA LEU B 269 4.36 1.30 -5.41
C LEU B 269 5.56 0.92 -6.28
N LEU B 270 6.03 1.84 -7.12
CA LEU B 270 7.15 1.55 -7.99
C LEU B 270 8.46 1.65 -7.24
N PRO B 271 9.44 0.78 -7.54
CA PRO B 271 10.75 0.89 -6.87
C PRO B 271 11.60 1.99 -7.51
N GLY B 272 12.68 2.38 -6.85
CA GLY B 272 13.58 3.41 -7.36
C GLY B 272 15.01 3.31 -6.88
N VAL B 273 15.71 4.43 -6.89
CA VAL B 273 17.13 4.55 -6.53
C VAL B 273 17.26 5.11 -5.08
N GLY B 274 16.11 5.24 -4.43
CA GLY B 274 16.02 5.79 -3.08
C GLY B 274 14.99 6.89 -3.00
N VAL B 275 14.90 7.53 -1.82
CA VAL B 275 13.86 8.53 -1.58
C VAL B 275 14.50 9.86 -1.14
N GLY B 276 14.04 10.95 -1.77
CA GLY B 276 14.48 12.31 -1.51
C GLY B 276 13.34 13.25 -1.24
N GLY B 277 13.64 14.55 -1.24
CA GLY B 277 12.70 15.62 -0.94
C GLY B 277 12.43 15.76 0.55
N SER B 278 11.64 16.77 0.91
CA SER B 278 11.28 17.00 2.31
C SER B 278 10.28 15.93 2.79
N CYS B 279 9.13 15.84 2.11
CA CYS B 279 8.02 14.96 2.40
C CYS B 279 8.43 13.56 2.89
N LEU B 280 8.95 12.73 2.00
CA LEU B 280 9.18 11.32 2.26
C LEU B 280 10.35 10.98 3.21
N THR B 281 11.37 11.84 3.34
CA THR B 281 12.47 11.49 4.26
C THR B 281 12.37 12.18 5.64
N LYS B 282 11.42 13.11 5.80
CA LYS B 282 11.31 13.87 7.04
C LYS B 282 9.98 13.64 7.75
N ASP B 283 8.85 13.70 7.01
CA ASP B 283 7.50 13.50 7.58
C ASP B 283 7.35 12.17 8.35
N PRO B 284 7.85 11.00 7.84
CA PRO B 284 7.74 9.76 8.64
C PRO B 284 8.58 9.86 9.93
N TRP B 285 9.80 10.46 9.87
CA TRP B 285 10.68 10.64 11.04
C TRP B 285 10.06 11.59 12.06
N MSE B 286 9.29 12.58 11.58
CA MSE B 286 8.60 13.55 12.40
C MSE B 286 7.47 12.88 13.18
O MSE B 286 7.31 13.17 14.36
CB MSE B 286 8.02 14.66 11.53
CG MSE B 286 7.86 15.97 12.24
SE MSE B 286 6.84 17.26 11.20
CE MSE B 286 7.83 17.20 9.50
N ALA B 287 6.71 11.96 12.52
CA ALA B 287 5.66 11.15 13.15
C ALA B 287 6.28 10.20 14.18
N TRP B 288 7.45 9.59 13.81
CA TRP B 288 8.23 8.67 14.66
C TRP B 288 8.67 9.36 15.94
N ARG B 289 9.27 10.59 15.83
CA ARG B 289 9.71 11.37 16.99
C ARG B 289 8.51 11.78 17.86
N ASP B 290 7.42 12.29 17.22
CA ASP B 290 6.22 12.71 17.94
C ASP B 290 5.65 11.51 18.73
N GLY B 291 5.57 10.35 18.07
CA GLY B 291 5.10 9.12 18.70
C GLY B 291 5.99 8.68 19.84
N ARG B 292 7.34 8.75 19.63
CA ARG B 292 8.36 8.38 20.61
C ARG B 292 8.23 9.21 21.88
N ASP B 293 8.00 10.54 21.72
CA ASP B 293 7.83 11.46 22.85
C ASP B 293 6.54 11.16 23.63
N ARG B 294 5.60 10.44 23.00
CA ARG B 294 4.30 10.07 23.56
C ARG B 294 4.24 8.55 23.92
N GLY B 295 5.36 7.84 23.76
CA GLY B 295 5.51 6.44 24.14
C GLY B 295 5.08 5.40 23.11
N VAL B 296 4.96 5.81 21.83
CA VAL B 296 4.58 4.89 20.76
C VAL B 296 5.79 4.66 19.82
N SER B 297 6.13 3.38 19.60
CA SER B 297 7.25 3.01 18.73
C SER B 297 6.74 2.74 17.33
N LEU B 298 7.15 3.59 16.35
CA LEU B 298 6.76 3.39 14.94
C LEU B 298 7.88 2.61 14.23
N ARG B 299 7.84 1.28 14.36
CA ARG B 299 8.85 0.39 13.80
C ARG B 299 8.82 0.35 12.27
N THR B 300 7.62 0.46 11.66
CA THR B 300 7.45 0.46 10.20
C THR B 300 8.20 1.66 9.60
N VAL B 301 8.21 2.81 10.30
CA VAL B 301 8.95 4.00 9.87
C VAL B 301 10.47 3.74 9.95
N GLU B 302 10.96 3.26 11.12
CA GLU B 302 12.37 2.95 11.33
C GLU B 302 12.93 2.09 10.19
N THR B 303 12.19 1.00 9.84
CA THR B 303 12.58 0.04 8.81
C THR B 303 12.49 0.66 7.43
N ALA B 304 11.36 1.33 7.10
CA ALA B 304 11.21 1.99 5.79
C ALA B 304 12.36 2.99 5.53
N ARG B 305 12.75 3.77 6.54
CA ARG B 305 13.79 4.79 6.39
C ARG B 305 15.13 4.18 6.19
N ALA B 306 15.42 3.06 6.90
CA ALA B 306 16.69 2.36 6.77
C ALA B 306 16.80 1.67 5.39
N VAL B 307 15.72 1.01 4.95
CA VAL B 307 15.63 0.32 3.66
C VAL B 307 15.88 1.33 2.50
N ASN B 308 15.16 2.47 2.51
CA ASN B 308 15.28 3.47 1.45
C ASN B 308 16.57 4.27 1.51
N ASP B 309 17.23 4.33 2.70
CA ASP B 309 18.49 5.07 2.83
C ASP B 309 19.66 4.21 2.31
N ASP B 310 19.44 2.89 2.21
CA ASP B 310 20.46 1.96 1.73
C ASP B 310 20.39 1.81 0.20
N MSE B 311 19.29 2.26 -0.43
CA MSE B 311 19.08 2.17 -1.88
C MSE B 311 20.12 2.94 -2.70
O MSE B 311 20.62 2.34 -3.64
CB MSE B 311 17.66 2.58 -2.29
CG MSE B 311 16.63 1.51 -2.01
SE MSE B 311 17.08 -0.24 -2.69
CE MSE B 311 16.80 0.10 -4.59
N PRO B 312 20.54 4.18 -2.36
CA PRO B 312 21.57 4.85 -3.19
C PRO B 312 22.87 4.05 -3.27
N ARG B 313 23.35 3.50 -2.13
CA ARG B 313 24.57 2.68 -2.06
C ARG B 313 24.36 1.36 -2.83
N HIS B 314 23.17 0.73 -2.68
CA HIS B 314 22.83 -0.50 -3.38
C HIS B 314 22.79 -0.28 -4.91
N THR B 315 22.22 0.85 -5.36
CA THR B 315 22.12 1.21 -6.79
C THR B 315 23.53 1.33 -7.41
N ALA B 316 24.48 1.96 -6.70
CA ALA B 316 25.86 2.09 -7.14
C ALA B 316 26.52 0.72 -7.27
N ALA B 317 26.26 -0.20 -6.29
CA ALA B 317 26.81 -1.57 -6.29
C ALA B 317 26.29 -2.38 -7.48
N VAL B 318 24.99 -2.24 -7.80
CA VAL B 318 24.36 -2.89 -8.95
C VAL B 318 24.99 -2.36 -10.27
N ILE B 319 25.22 -1.01 -10.37
CA ILE B 319 25.85 -0.39 -11.55
C ILE B 319 27.25 -1.00 -11.78
N ALA B 320 28.12 -0.97 -10.75
CA ALA B 320 29.48 -1.50 -10.80
C ALA B 320 29.50 -2.98 -11.14
N ASP B 321 28.59 -3.79 -10.53
CA ASP B 321 28.49 -5.22 -10.81
C ASP B 321 28.03 -5.47 -12.27
N GLU B 322 27.07 -4.68 -12.77
CA GLU B 322 26.58 -4.84 -14.14
C GLU B 322 27.62 -4.43 -15.15
N LEU B 323 28.47 -3.45 -14.81
CA LEU B 323 29.57 -3.01 -15.69
C LEU B 323 30.68 -4.06 -15.71
N VAL B 324 30.96 -4.69 -14.56
CA VAL B 324 31.97 -5.76 -14.45
C VAL B 324 31.58 -6.91 -15.37
N LYS B 325 30.28 -7.29 -15.37
CA LYS B 325 29.74 -8.36 -16.21
C LYS B 325 29.91 -8.05 -17.73
N LEU B 326 30.06 -6.75 -18.10
CA LEU B 326 30.29 -6.33 -19.49
C LEU B 326 31.77 -6.24 -19.81
N GLY B 327 32.60 -6.50 -18.80
CA GLY B 327 34.05 -6.46 -18.94
C GLY B 327 34.58 -5.05 -18.86
N ARG B 328 33.86 -4.18 -18.14
CA ARG B 328 34.19 -2.78 -17.91
C ARG B 328 34.53 -2.59 -16.43
N ASP B 329 35.19 -1.47 -16.08
CA ASP B 329 35.56 -1.17 -14.69
C ASP B 329 35.86 0.33 -14.51
N ARG B 330 36.18 0.73 -13.25
CA ARG B 330 36.51 2.10 -12.83
C ARG B 330 37.66 2.75 -13.63
N ASN B 331 38.39 1.96 -14.47
CA ASN B 331 39.55 2.41 -15.24
C ASN B 331 39.23 2.76 -16.70
N ASP B 332 38.22 2.10 -17.32
CA ASP B 332 37.87 2.33 -18.72
C ASP B 332 36.46 2.91 -18.91
N THR B 333 35.71 3.10 -17.79
CA THR B 333 34.33 3.59 -17.90
C THR B 333 34.13 4.92 -17.22
N THR B 334 33.48 5.84 -17.93
CA THR B 334 33.01 7.12 -17.42
C THR B 334 31.47 6.99 -17.35
N ILE B 335 30.89 7.24 -16.17
CA ILE B 335 29.45 7.09 -16.04
C ILE B 335 28.78 8.46 -16.22
N ALA B 336 27.84 8.51 -17.14
CA ALA B 336 27.02 9.69 -17.36
C ALA B 336 25.74 9.53 -16.57
N VAL B 337 25.58 10.30 -15.48
CA VAL B 337 24.38 10.26 -14.64
C VAL B 337 23.38 11.29 -15.18
N LEU B 338 22.29 10.80 -15.77
CA LEU B 338 21.27 11.65 -16.39
C LEU B 338 20.06 11.74 -15.47
N GLY B 339 19.93 12.91 -14.84
CA GLY B 339 18.90 13.20 -13.84
C GLY B 339 19.48 13.23 -12.45
N ALA B 340 19.39 14.40 -11.78
CA ALA B 340 19.93 14.62 -10.44
C ALA B 340 18.83 14.93 -9.41
N ALA B 341 17.63 15.36 -9.86
CA ALA B 341 16.51 15.69 -8.96
C ALA B 341 15.80 14.44 -8.44
N PHE B 342 15.19 14.51 -7.21
CA PHE B 342 14.42 13.37 -6.70
C PHE B 342 13.08 13.24 -7.43
N LYS B 343 12.51 14.37 -7.83
CA LYS B 343 11.21 14.31 -8.46
C LYS B 343 11.32 14.56 -9.95
N ASN B 344 10.64 13.70 -10.73
CA ASN B 344 10.58 13.80 -12.17
C ASN B 344 9.90 15.09 -12.58
N ASP B 345 10.41 15.72 -13.65
CA ASP B 345 9.90 16.96 -14.23
C ASP B 345 10.05 18.14 -13.23
N THR B 346 11.07 18.04 -12.33
CA THR B 346 11.49 19.09 -11.37
C THR B 346 13.02 19.16 -11.40
N GLY B 347 13.58 20.29 -10.98
CA GLY B 347 15.02 20.46 -10.94
C GLY B 347 15.58 20.67 -9.55
N ASP B 348 14.84 20.21 -8.52
CA ASP B 348 15.22 20.35 -7.10
C ASP B 348 16.17 19.23 -6.70
N VAL B 349 17.39 19.61 -6.28
CA VAL B 349 18.43 18.66 -5.90
C VAL B 349 18.84 18.85 -4.43
N ARG B 350 18.09 19.68 -3.67
CA ARG B 350 18.32 19.97 -2.24
C ARG B 350 18.53 18.68 -1.41
N ASN B 351 17.67 17.66 -1.63
CA ASN B 351 17.75 16.34 -0.97
C ASN B 351 17.41 15.26 -2.00
N THR B 352 18.42 14.68 -2.64
CA THR B 352 18.23 13.71 -3.70
C THR B 352 19.00 12.38 -3.45
N PRO B 353 18.39 11.21 -3.70
CA PRO B 353 19.16 9.95 -3.55
C PRO B 353 20.26 9.80 -4.61
N VAL B 354 20.22 10.61 -5.71
CA VAL B 354 21.22 10.64 -6.80
C VAL B 354 22.58 10.99 -6.20
N ARG B 355 22.59 11.96 -5.27
CA ARG B 355 23.76 12.39 -4.51
C ARG B 355 24.47 11.18 -3.87
N GLY B 356 23.70 10.29 -3.24
CA GLY B 356 24.23 9.08 -2.61
C GLY B 356 24.80 8.09 -3.59
N VAL B 357 24.12 7.91 -4.75
CA VAL B 357 24.56 7.02 -5.83
C VAL B 357 25.90 7.50 -6.38
N VAL B 358 25.95 8.79 -6.81
CA VAL B 358 27.13 9.45 -7.36
C VAL B 358 28.31 9.34 -6.38
N ALA B 359 28.07 9.67 -5.09
CA ALA B 359 29.08 9.60 -4.01
C ALA B 359 29.62 8.19 -3.83
N ALA B 360 28.74 7.17 -3.93
CA ALA B 360 29.14 5.77 -3.77
C ALA B 360 29.94 5.27 -4.97
N LEU B 361 29.59 5.76 -6.19
CA LEU B 361 30.30 5.40 -7.41
C LEU B 361 31.69 6.05 -7.40
N ARG B 362 31.76 7.31 -6.91
CA ARG B 362 33.02 8.06 -6.79
C ARG B 362 33.88 7.51 -5.63
N ASP B 363 33.25 6.79 -4.69
CA ASP B 363 33.92 6.18 -3.54
C ASP B 363 34.66 4.90 -3.93
N SER B 364 34.25 4.26 -5.04
CA SER B 364 34.90 3.03 -5.49
C SER B 364 36.07 3.37 -6.44
N GLY B 365 36.00 4.56 -7.05
CA GLY B 365 37.00 5.09 -7.98
C GLY B 365 36.51 5.31 -9.41
N PHE B 366 35.19 5.46 -9.61
CA PHE B 366 34.60 5.67 -10.93
C PHE B 366 34.55 7.14 -11.34
N ARG B 367 34.78 7.40 -12.63
CA ARG B 367 34.63 8.73 -13.21
C ARG B 367 33.15 8.95 -13.48
N VAL B 368 32.55 10.02 -12.89
CA VAL B 368 31.11 10.26 -13.01
C VAL B 368 30.84 11.66 -13.56
N ARG B 369 30.02 11.74 -14.63
CA ARG B 369 29.53 13.00 -15.21
C ARG B 369 28.06 13.18 -14.81
N ILE B 370 27.62 14.42 -14.53
CA ILE B 370 26.23 14.64 -14.14
C ILE B 370 25.54 15.57 -15.14
N PHE B 371 24.31 15.22 -15.55
CA PHE B 371 23.52 16.07 -16.43
C PHE B 371 22.01 15.95 -16.15
N ASP B 372 21.44 17.03 -15.62
CA ASP B 372 20.01 17.21 -15.41
C ASP B 372 19.62 18.49 -16.16
N PRO B 373 18.66 18.43 -17.12
CA PRO B 373 18.35 19.63 -17.91
C PRO B 373 17.51 20.67 -17.16
N LEU B 374 16.86 20.26 -16.06
CA LEU B 374 15.97 21.11 -15.28
C LEU B 374 16.61 21.70 -14.02
N ALA B 375 17.77 21.18 -13.62
CA ALA B 375 18.46 21.67 -12.41
C ALA B 375 19.44 22.83 -12.73
N ASP B 376 19.59 23.76 -11.78
CA ASP B 376 20.54 24.87 -11.91
C ASP B 376 21.98 24.36 -11.70
N PRO B 377 22.96 24.80 -12.53
CA PRO B 377 24.33 24.27 -12.40
C PRO B 377 24.98 24.55 -11.04
N ALA B 378 24.71 25.73 -10.44
CA ALA B 378 25.26 26.08 -9.11
C ALA B 378 24.68 25.14 -8.04
N GLU B 379 23.41 24.69 -8.22
CA GLU B 379 22.73 23.77 -7.30
C GLU B 379 23.40 22.40 -7.31
N ILE B 380 23.90 21.97 -8.49
CA ILE B 380 24.63 20.71 -8.64
C ILE B 380 26.01 20.85 -7.96
N VAL B 381 26.70 21.99 -8.19
CA VAL B 381 28.01 22.30 -7.59
C VAL B 381 27.92 22.24 -6.04
N ALA B 382 26.90 22.89 -5.47
CA ALA B 382 26.70 22.92 -4.02
C ALA B 382 26.34 21.56 -3.43
N ARG B 383 25.66 20.68 -4.21
CA ARG B 383 25.21 19.37 -3.72
C ARG B 383 26.15 18.20 -4.06
N PHE B 384 26.81 18.23 -5.23
CA PHE B 384 27.68 17.16 -5.71
C PHE B 384 29.18 17.51 -5.65
N GLY B 385 29.49 18.80 -5.44
CA GLY B 385 30.86 19.29 -5.34
C GLY B 385 31.60 19.44 -6.66
N THR B 386 30.92 19.13 -7.77
CA THR B 386 31.49 19.22 -9.12
C THR B 386 30.47 19.89 -10.06
N ALA B 387 30.97 20.55 -11.13
CA ALA B 387 30.13 21.19 -12.14
C ALA B 387 29.51 20.11 -13.06
N PRO B 388 28.23 20.28 -13.47
CA PRO B 388 27.63 19.26 -14.34
C PRO B 388 28.15 19.37 -15.79
N ALA B 389 27.70 18.45 -16.67
CA ALA B 389 28.06 18.52 -18.09
C ALA B 389 27.35 19.71 -18.74
N ALA B 390 28.01 20.36 -19.71
CA ALA B 390 27.47 21.56 -20.41
C ALA B 390 26.16 21.27 -21.15
N SER B 391 26.03 20.06 -21.73
CA SER B 391 24.85 19.61 -22.46
C SER B 391 24.73 18.09 -22.38
N LEU B 392 23.65 17.52 -22.96
CA LEU B 392 23.46 16.08 -22.97
C LEU B 392 24.58 15.40 -23.77
N ASP B 393 25.00 16.03 -24.88
CA ASP B 393 26.04 15.47 -25.72
C ASP B 393 27.40 15.43 -25.01
N GLU B 394 27.70 16.42 -24.15
CA GLU B 394 28.97 16.44 -23.40
C GLU B 394 29.01 15.30 -22.36
N ALA B 395 27.84 14.97 -21.76
CA ALA B 395 27.71 13.92 -20.76
C ALA B 395 27.78 12.52 -21.37
N VAL B 396 27.04 12.29 -22.47
CA VAL B 396 26.94 10.96 -23.10
C VAL B 396 28.18 10.60 -23.97
N SER B 397 28.93 11.60 -24.49
CA SER B 397 30.09 11.35 -25.38
C SER B 397 31.18 10.57 -24.67
N GLY B 398 31.50 9.39 -25.20
CA GLY B 398 32.52 8.50 -24.63
C GLY B 398 32.10 7.80 -23.35
N ALA B 399 30.82 7.89 -22.98
CA ALA B 399 30.34 7.26 -21.75
C ALA B 399 30.12 5.77 -21.97
N GLY B 400 30.65 4.97 -21.04
CA GLY B 400 30.50 3.52 -21.03
C GLY B 400 29.27 3.10 -20.26
N CYS B 401 28.55 4.09 -19.68
CA CYS B 401 27.31 3.88 -18.94
C CYS B 401 26.42 5.13 -18.94
N LEU B 402 25.11 4.94 -19.19
CA LEU B 402 24.08 5.96 -19.10
C LEU B 402 23.11 5.60 -17.95
N ALA B 403 23.31 6.21 -16.76
CA ALA B 403 22.51 5.93 -15.58
C ALA B 403 21.36 6.94 -15.42
N PHE B 404 20.13 6.53 -15.81
CA PHE B 404 18.97 7.41 -15.71
C PHE B 404 18.41 7.36 -14.28
N LEU B 405 18.89 8.29 -13.43
CA LEU B 405 18.54 8.32 -12.01
C LEU B 405 17.36 9.29 -11.71
N ALA B 406 16.76 9.86 -12.77
CA ALA B 406 15.53 10.66 -12.77
C ALA B 406 14.79 10.40 -14.06
N GLY B 407 13.48 10.24 -13.98
CA GLY B 407 12.65 9.95 -15.15
C GLY B 407 12.00 11.18 -15.76
N HIS B 408 12.82 12.22 -16.10
CA HIS B 408 12.30 13.45 -16.71
C HIS B 408 11.68 13.16 -18.08
N ARG B 409 10.64 13.93 -18.46
CA ARG B 409 9.92 13.84 -19.73
C ARG B 409 10.88 13.91 -20.93
N GLN B 410 11.93 14.73 -20.81
CA GLN B 410 12.94 14.96 -21.84
C GLN B 410 13.75 13.70 -22.11
N PHE B 411 14.00 12.87 -21.05
CA PHE B 411 14.74 11.62 -21.19
C PHE B 411 13.93 10.55 -21.94
N HIS B 412 12.59 10.59 -21.79
CA HIS B 412 11.69 9.69 -22.49
C HIS B 412 11.51 10.09 -23.96
N GLU B 413 11.91 11.32 -24.32
CA GLU B 413 11.76 11.88 -25.68
C GLU B 413 13.04 11.72 -26.51
N LEU B 414 14.10 11.14 -25.91
CA LEU B 414 15.40 10.96 -26.53
C LEU B 414 15.41 9.92 -27.65
N ASP B 415 16.36 10.10 -28.58
CA ASP B 415 16.67 9.22 -29.70
C ASP B 415 17.86 8.36 -29.26
N PHE B 416 17.63 7.06 -29.09
CA PHE B 416 18.70 6.20 -28.59
C PHE B 416 19.60 5.69 -29.71
N GLY B 417 19.11 5.75 -30.93
CA GLY B 417 19.87 5.41 -32.13
C GLY B 417 21.00 6.39 -32.34
N ALA B 418 20.73 7.68 -32.05
CA ALA B 418 21.72 8.75 -32.12
C ALA B 418 22.72 8.64 -30.96
N LEU B 419 22.21 8.33 -29.74
CA LEU B 419 22.99 8.13 -28.52
C LEU B 419 24.06 7.02 -28.70
N ALA B 420 23.67 5.90 -29.35
CA ALA B 420 24.53 4.75 -29.62
C ALA B 420 25.80 5.15 -30.41
N GLU B 421 25.68 6.17 -31.27
CA GLU B 421 26.77 6.70 -32.08
C GLU B 421 27.71 7.59 -31.26
N ARG B 422 27.25 8.11 -30.10
CA ARG B 422 28.06 9.00 -29.25
C ARG B 422 28.75 8.27 -28.09
N VAL B 423 28.07 7.28 -27.49
CA VAL B 423 28.57 6.53 -26.32
C VAL B 423 29.76 5.61 -26.70
N ASP B 424 30.46 5.07 -25.69
CA ASP B 424 31.56 4.13 -25.90
C ASP B 424 31.03 2.70 -25.73
N GLU B 425 31.05 1.90 -26.81
CA GLU B 425 30.54 0.52 -26.79
C GLU B 425 31.57 -0.49 -26.21
N PRO B 426 31.13 -1.47 -25.39
CA PRO B 426 29.74 -1.73 -24.94
C PRO B 426 29.25 -0.71 -23.91
N CYS B 427 28.03 -0.17 -24.10
CA CYS B 427 27.51 0.83 -23.18
C CYS B 427 26.32 0.27 -22.40
N LEU B 428 26.35 0.47 -21.08
CA LEU B 428 25.27 0.02 -20.22
C LEU B 428 24.29 1.15 -19.99
N VAL B 429 23.02 0.86 -20.21
CA VAL B 429 21.95 1.77 -19.88
C VAL B 429 21.36 1.25 -18.58
N PHE B 430 21.49 2.02 -17.50
CA PHE B 430 20.92 1.64 -16.22
C PHE B 430 19.64 2.43 -16.01
N ASP B 431 18.51 1.71 -15.90
CA ASP B 431 17.17 2.27 -15.69
C ASP B 431 16.82 2.31 -14.20
N GLY B 432 17.12 3.44 -13.56
CA GLY B 432 16.82 3.63 -12.16
C GLY B 432 15.41 4.12 -11.95
N ARG B 433 15.02 5.20 -12.65
CA ARG B 433 13.70 5.80 -12.46
C ARG B 433 12.98 6.15 -13.79
N MSE B 434 13.38 5.49 -14.90
CA MSE B 434 12.73 5.60 -16.21
C MSE B 434 11.52 4.67 -16.31
O MSE B 434 10.51 5.05 -16.90
CB MSE B 434 13.71 5.27 -17.34
CG MSE B 434 14.76 6.29 -17.55
SE MSE B 434 14.04 7.86 -18.45
CE MSE B 434 14.50 7.33 -20.28
N HIS B 435 11.64 3.42 -15.76
CA HIS B 435 10.64 2.33 -15.77
C HIS B 435 10.18 2.07 -17.20
N LEU B 436 11.15 1.98 -18.14
CA LEU B 436 10.89 1.76 -19.56
C LEU B 436 10.10 0.47 -19.82
N PRO B 437 9.08 0.52 -20.71
CA PRO B 437 8.30 -0.69 -21.02
C PRO B 437 9.10 -1.71 -21.86
N PRO B 438 8.65 -3.00 -21.92
CA PRO B 438 9.42 -4.02 -22.68
C PRO B 438 9.73 -3.65 -24.14
N ALA B 439 8.79 -2.96 -24.83
CA ALA B 439 8.95 -2.52 -26.22
C ALA B 439 10.08 -1.50 -26.38
N ARG B 440 10.24 -0.58 -25.41
CA ARG B 440 11.28 0.44 -25.44
C ARG B 440 12.66 -0.18 -25.17
N ILE B 441 12.72 -1.18 -24.26
CA ILE B 441 13.95 -1.93 -23.90
C ILE B 441 14.50 -2.65 -25.15
N ARG B 442 13.60 -3.22 -26.01
CA ARG B 442 13.99 -3.88 -27.26
C ARG B 442 14.72 -2.93 -28.20
N GLU B 443 14.28 -1.63 -28.25
CA GLU B 443 14.89 -0.57 -29.07
C GLU B 443 16.35 -0.36 -28.70
N LEU B 444 16.63 -0.25 -27.37
CA LEU B 444 17.97 -0.05 -26.85
C LEU B 444 18.90 -1.18 -27.23
N HIS B 445 18.44 -2.45 -27.04
CA HIS B 445 19.23 -3.63 -27.40
C HIS B 445 19.58 -3.64 -28.90
N ARG B 446 18.61 -3.20 -29.75
CA ARG B 446 18.76 -3.10 -31.20
C ARG B 446 19.89 -2.12 -31.57
N PHE B 447 20.09 -1.06 -30.77
CA PHE B 447 21.12 -0.06 -31.02
C PHE B 447 22.49 -0.50 -30.45
N GLY B 448 22.51 -1.64 -29.73
CA GLY B 448 23.72 -2.21 -29.15
C GLY B 448 23.91 -1.91 -27.68
N PHE B 449 22.87 -1.35 -27.03
CA PHE B 449 22.94 -1.00 -25.61
C PHE B 449 22.66 -2.19 -24.73
N ALA B 450 23.36 -2.24 -23.59
CA ALA B 450 23.11 -3.22 -22.54
C ALA B 450 22.11 -2.58 -21.59
N TYR B 451 21.00 -3.25 -21.33
CA TYR B 451 19.98 -2.69 -20.47
C TYR B 451 19.90 -3.45 -19.17
N ARG B 452 19.81 -2.72 -18.06
CA ARG B 452 19.65 -3.26 -16.71
C ARG B 452 18.94 -2.26 -15.84
N GLY B 453 18.12 -2.75 -14.93
CA GLY B 453 17.39 -1.90 -14.01
C GLY B 453 17.33 -2.50 -12.63
N ILE B 454 16.86 -1.70 -11.65
CA ILE B 454 16.67 -2.13 -10.26
C ILE B 454 15.55 -3.18 -10.25
N GLY B 455 15.92 -4.45 -10.04
CA GLY B 455 14.98 -5.56 -10.11
C GLY B 455 14.40 -5.79 -11.49
N ARG B 456 15.16 -5.47 -12.55
CA ARG B 456 14.75 -5.59 -13.94
C ARG B 456 15.85 -6.22 -14.81
C1 GOL C . -11.04 5.35 -1.50
O1 GOL C . -9.68 5.12 -1.95
C2 GOL C . -12.02 5.66 -2.68
O2 GOL C . -11.51 5.15 -3.96
C3 GOL C . -13.49 5.13 -2.43
O3 GOL C . -13.78 4.75 -1.06
#